data_2B2X
#
_entry.id   2B2X
#
_cell.length_a   106.12
_cell.length_b   43.68
_cell.length_c   153.88
_cell.angle_alpha   90
_cell.angle_beta   104.1
_cell.angle_gamma   90
#
_symmetry.space_group_name_H-M   'P 1 2 1'
#
loop_
_entity.id
_entity.type
_entity.pdbx_description
1 polymer 'Integrin alpha-1'
2 polymer 'Antibody AQC2 Fab'
3 polymer 'Antibody AQC2 Fab'
4 non-polymer 'MAGNESIUM ION'
5 water water
#
loop_
_entity_poly.entity_id
_entity_poly.type
_entity_poly.pdbx_seq_one_letter_code
_entity_poly.pdbx_strand_id
1 'polypeptide(L)'
;GSVSPTFQVVNSFAPVQECSTQLDIVIVLDGSNSIYPWESVIAFLNDLLKRMDIGPKQTQVGIVQYGENVTHEFNLNKYS
STEEVLVAANKIVQRGGRQTMTALGIDTARKEAFTEARGARRGVKKVMVIVTDGESHDNYRLKQVIQDCEDENIQRFSIA
ILGHYNRGNLSTEKFVEEIKSIASEPTEKHFFNVSDELALVTIVKALGERIFALEALERPHRD
;
A,B
2 'polypeptide(L)'
;EVQLVESGGGLVQPGGSLRLSCAASGFTFSRYTMSWVRQAPGKGLEWVAVISGGGHTYYLDSVEGRFTISRDNSKNTLYL
QMNSLRAEDTAVYYCTRGFGDGGYFDVWGQGTLVTVSSAKTTPPSVYPLAPGSAAQTNSMVTLGCLVKGYFPEPVTVTWN
SGSLSSGVHTFPAVLQSDLYTLSSSVTVPSSTWPSETVTCNVAHPASSTKVDKKIVPRDCHHHHHH
;
H,I
3 'polypeptide(L)'
;QIQLTQSPSSLSASVGDRVTITCSASSQVNHMFWYQQKPGKAPKPWIYLTSYLASGVPSRFSGSGSGTDYTLTISSLQPE
DFATYYCQQWSGNPWTFGQGTKVEIKRADAAPTVSIFPPSSEQLTSGGASVVCFLNNFYPKDINVKWKIDGSERQNGVLN
SWTDQDSKDSTYSMSSTLTLTKDEYERHNSYTCEATHKTSTSPIVKSFNRNEC
;
L,M
#
# COMPACT_ATOMS: atom_id res chain seq x y z
N GLN A 22 5.23 48.97 22.90
CA GLN A 22 6.40 48.43 22.15
C GLN A 22 6.32 46.91 21.98
N LEU A 23 5.77 46.47 20.87
CA LEU A 23 5.65 45.04 20.58
C LEU A 23 5.39 44.77 19.10
N ASP A 24 6.20 43.87 18.53
CA ASP A 24 6.08 43.50 17.13
C ASP A 24 4.93 42.50 16.96
N ILE A 25 3.97 42.84 16.10
CA ILE A 25 2.82 41.96 15.88
C ILE A 25 2.83 41.30 14.51
N VAL A 26 2.63 39.98 14.49
CA VAL A 26 2.58 39.23 13.25
C VAL A 26 1.25 38.50 13.15
N ILE A 27 0.46 38.83 12.13
CA ILE A 27 -0.84 38.22 11.93
C ILE A 27 -0.74 37.05 10.96
N VAL A 28 -1.18 35.87 11.40
CA VAL A 28 -1.15 34.67 10.58
C VAL A 28 -2.57 34.43 10.04
N LEU A 29 -2.77 34.81 8.78
CA LEU A 29 -4.06 34.69 8.12
C LEU A 29 -4.28 33.41 7.32
N ASP A 30 -5.40 32.75 7.61
CA ASP A 30 -5.81 31.53 6.93
C ASP A 30 -6.44 31.97 5.62
N GLY A 31 -5.86 31.56 4.49
CA GLY A 31 -6.43 31.93 3.21
C GLY A 31 -6.80 30.73 2.35
N SER A 32 -7.18 29.63 2.99
CA SER A 32 -7.54 28.40 2.27
C SER A 32 -8.88 28.50 1.53
N ASN A 33 -9.14 27.53 0.64
CA ASN A 33 -10.37 27.50 -0.16
C ASN A 33 -11.61 27.77 0.69
N SER A 34 -11.64 27.18 1.89
CA SER A 34 -12.76 27.34 2.81
C SER A 34 -13.12 28.77 3.22
N ILE A 35 -12.11 29.62 3.36
CA ILE A 35 -12.36 31.01 3.76
C ILE A 35 -13.20 31.71 2.71
N TYR A 36 -14.29 32.35 3.15
CA TYR A 36 -15.20 33.04 2.22
C TYR A 36 -16.25 33.79 3.03
N PRO A 37 -16.46 35.08 2.72
CA PRO A 37 -15.74 35.82 1.68
C PRO A 37 -14.48 36.49 2.21
N TRP A 38 -13.48 36.62 1.34
CA TRP A 38 -12.19 37.22 1.71
C TRP A 38 -12.33 38.71 2.04
N GLU A 39 -13.48 39.29 1.69
CA GLU A 39 -13.74 40.69 1.95
C GLU A 39 -13.89 40.98 3.45
N SER A 40 -14.62 40.10 4.15
CA SER A 40 -14.83 40.27 5.57
C SER A 40 -13.56 40.09 6.37
N VAL A 41 -12.67 39.24 5.87
CA VAL A 41 -11.39 38.99 6.54
C VAL A 41 -10.54 40.25 6.46
N ILE A 42 -10.54 40.88 5.29
CA ILE A 42 -9.78 42.10 5.07
C ILE A 42 -10.40 43.25 5.86
N ALA A 43 -11.73 43.26 5.97
CA ALA A 43 -12.41 44.32 6.72
C ALA A 43 -12.01 44.19 8.19
N PHE A 44 -11.69 42.96 8.59
CA PHE A 44 -11.28 42.69 9.97
C PHE A 44 -9.88 43.27 10.19
N LEU A 45 -8.93 42.90 9.35
CA LEU A 45 -7.57 43.43 9.48
C LEU A 45 -7.67 44.94 9.61
N ASN A 46 -8.36 45.55 8.65
CA ASN A 46 -8.56 46.99 8.59
C ASN A 46 -9.04 47.54 9.91
N ASP A 47 -10.23 47.14 10.34
CA ASP A 47 -10.80 47.62 11.59
C ASP A 47 -9.89 47.40 12.81
N LEU A 48 -8.89 46.54 12.67
CA LEU A 48 -7.99 46.27 13.80
C LEU A 48 -6.69 47.06 13.67
N LEU A 49 -6.11 47.08 12.47
CA LEU A 49 -4.86 47.77 12.22
C LEU A 49 -4.93 49.30 12.25
N LYS A 50 -6.12 49.87 12.07
CA LYS A 50 -6.27 51.32 12.08
C LYS A 50 -6.25 51.92 13.49
N ARG A 51 -6.47 51.08 14.49
CA ARG A 51 -6.47 51.52 15.88
C ARG A 51 -5.09 51.41 16.53
N MET A 52 -4.06 51.17 15.71
CA MET A 52 -2.71 51.03 16.24
C MET A 52 -1.76 52.15 15.80
N ASP A 53 -0.79 52.46 16.67
CA ASP A 53 0.20 53.48 16.36
C ASP A 53 1.45 52.71 15.94
N ILE A 54 1.67 52.66 14.63
CA ILE A 54 2.80 51.92 14.06
C ILE A 54 4.00 52.77 13.72
N GLY A 55 5.18 52.27 14.06
CA GLY A 55 6.41 52.98 13.78
C GLY A 55 7.63 52.21 14.29
N PRO A 56 8.82 52.51 13.79
CA PRO A 56 10.05 51.84 14.21
C PRO A 56 10.25 51.86 15.73
N LYS A 57 9.65 52.84 16.39
CA LYS A 57 9.76 52.97 17.84
C LYS A 57 8.36 52.94 18.48
N GLN A 58 7.43 52.25 17.83
CA GLN A 58 6.06 52.17 18.32
C GLN A 58 5.58 50.72 18.41
N THR A 59 4.87 50.29 17.37
CA THR A 59 4.36 48.93 17.30
C THR A 59 4.39 48.53 15.84
N GLN A 60 5.17 47.50 15.52
CA GLN A 60 5.28 47.03 14.14
C GLN A 60 4.36 45.85 13.89
N VAL A 61 3.94 45.69 12.63
CA VAL A 61 3.05 44.58 12.29
C VAL A 61 3.38 43.93 10.96
N GLY A 62 3.46 42.60 10.98
CA GLY A 62 3.74 41.83 9.78
C GLY A 62 2.60 40.85 9.58
N ILE A 63 2.26 40.58 8.32
CA ILE A 63 1.18 39.64 8.02
C ILE A 63 1.62 38.46 7.17
N VAL A 64 1.23 37.27 7.60
CA VAL A 64 1.56 36.04 6.89
C VAL A 64 0.27 35.31 6.51
N GLN A 65 0.16 34.91 5.25
CA GLN A 65 -1.03 34.17 4.81
C GLN A 65 -0.66 32.73 4.52
N TYR A 66 -1.53 31.80 4.90
CA TYR A 66 -1.25 30.39 4.65
C TYR A 66 -2.46 29.63 4.13
N GLY A 67 -2.16 28.51 3.47
CA GLY A 67 -3.17 27.63 2.91
C GLY A 67 -2.49 26.29 2.73
N GLU A 68 -2.15 25.95 1.48
CA GLU A 68 -1.42 24.70 1.20
C GLU A 68 0.00 25.06 1.55
N ASN A 69 0.33 26.32 1.33
CA ASN A 69 1.66 26.85 1.60
C ASN A 69 1.57 28.20 2.32
N VAL A 70 2.72 28.70 2.75
CA VAL A 70 2.80 29.96 3.50
C VAL A 70 3.52 31.06 2.75
N THR A 71 3.00 32.28 2.82
CA THR A 71 3.64 33.40 2.15
C THR A 71 3.59 34.68 2.98
N HIS A 72 4.72 35.39 3.02
CA HIS A 72 4.83 36.64 3.75
C HIS A 72 4.17 37.77 2.92
N GLU A 73 3.13 38.40 3.44
CA GLU A 73 2.50 39.48 2.71
C GLU A 73 3.44 40.68 2.73
N PHE A 74 4.01 40.95 3.91
CA PHE A 74 4.98 42.03 4.10
C PHE A 74 5.62 41.86 5.48
N ASN A 75 6.90 42.22 5.59
CA ASN A 75 7.64 42.05 6.84
C ASN A 75 7.31 43.05 7.94
N LEU A 76 7.72 42.71 9.16
CA LEU A 76 7.49 43.56 10.32
C LEU A 76 7.92 45.02 10.19
N ASN A 77 8.86 45.30 9.29
CA ASN A 77 9.33 46.67 9.11
C ASN A 77 9.31 47.20 7.69
N LYS A 78 8.45 46.65 6.83
CA LYS A 78 8.35 47.14 5.46
C LYS A 78 7.68 48.49 5.52
N TYR A 79 6.73 48.63 6.45
CA TYR A 79 6.00 49.89 6.61
C TYR A 79 6.22 50.43 8.01
N SER A 80 6.51 51.72 8.10
CA SER A 80 6.77 52.38 9.38
C SER A 80 5.60 53.27 9.79
N SER A 81 4.60 53.38 8.93
CA SER A 81 3.43 54.21 9.19
C SER A 81 2.16 53.39 9.36
N THR A 82 1.24 53.86 10.19
CA THR A 82 -0.01 53.15 10.41
C THR A 82 -0.90 53.24 9.19
N GLU A 83 -0.73 54.29 8.40
CA GLU A 83 -1.54 54.45 7.20
C GLU A 83 -0.96 53.58 6.10
N GLU A 84 0.36 53.53 6.01
CA GLU A 84 1.02 52.71 4.99
C GLU A 84 0.65 51.23 5.17
N VAL A 85 0.32 50.86 6.41
CA VAL A 85 -0.07 49.49 6.73
C VAL A 85 -1.52 49.26 6.36
N LEU A 86 -2.36 50.27 6.51
CA LEU A 86 -3.77 50.13 6.17
C LEU A 86 -3.93 49.93 4.66
N VAL A 87 -3.16 50.68 3.87
CA VAL A 87 -3.24 50.58 2.42
C VAL A 87 -2.71 49.25 1.91
N ALA A 88 -1.58 48.81 2.45
CA ALA A 88 -0.99 47.54 2.03
C ALA A 88 -1.92 46.39 2.43
N ALA A 89 -2.46 46.46 3.64
CA ALA A 89 -3.36 45.43 4.14
C ALA A 89 -4.55 45.21 3.21
N ASN A 90 -5.30 46.28 2.95
CA ASN A 90 -6.47 46.19 2.06
C ASN A 90 -6.08 45.74 0.66
N LYS A 91 -4.80 45.49 0.45
CA LYS A 91 -4.28 45.08 -0.85
C LYS A 91 -3.96 43.58 -0.89
N ILE A 92 -4.09 42.93 0.26
CA ILE A 92 -3.82 41.50 0.40
C ILE A 92 -4.84 40.65 -0.34
N VAL A 93 -4.35 39.76 -1.19
CA VAL A 93 -5.20 38.87 -1.98
C VAL A 93 -5.23 37.45 -1.42
N GLN A 94 -6.40 36.82 -1.47
CA GLN A 94 -6.51 35.44 -0.99
C GLN A 94 -5.75 34.55 -1.94
N ARG A 95 -4.89 33.70 -1.39
CA ARG A 95 -4.08 32.79 -2.21
C ARG A 95 -4.71 31.39 -2.31
N GLY A 96 -5.79 31.18 -1.58
CA GLY A 96 -6.44 29.88 -1.62
C GLY A 96 -5.61 28.75 -1.03
N GLY A 97 -6.09 27.52 -1.18
CA GLY A 97 -5.38 26.37 -0.66
C GLY A 97 -6.29 25.17 -0.48
N ARG A 98 -5.84 24.02 -0.96
CA ARG A 98 -6.61 22.78 -0.86
C ARG A 98 -6.45 22.15 0.52
N GLN A 99 -5.69 22.83 1.38
CA GLN A 99 -5.47 22.41 2.76
C GLN A 99 -5.34 23.62 3.68
N THR A 100 -5.51 23.37 4.97
CA THR A 100 -5.41 24.41 5.97
C THR A 100 -4.24 23.99 6.86
N MET A 101 -3.03 24.32 6.44
CA MET A 101 -1.83 23.96 7.17
C MET A 101 -1.49 24.97 8.27
N THR A 102 -2.35 25.06 9.29
CA THR A 102 -2.15 26.01 10.38
C THR A 102 -0.81 25.85 11.11
N ALA A 103 -0.41 24.61 11.36
CA ALA A 103 0.85 24.36 12.03
C ALA A 103 1.98 24.96 11.20
N LEU A 104 1.97 24.69 9.90
CA LEU A 104 3.00 25.20 9.00
C LEU A 104 3.00 26.72 8.97
N GLY A 105 1.82 27.31 9.09
CA GLY A 105 1.72 28.75 9.06
C GLY A 105 2.29 29.39 10.32
N ILE A 106 1.95 28.82 11.46
CA ILE A 106 2.44 29.35 12.73
C ILE A 106 3.95 29.18 12.85
N ASP A 107 4.43 27.95 12.62
CA ASP A 107 5.85 27.66 12.71
C ASP A 107 6.65 28.57 11.78
N THR A 108 6.09 28.90 10.62
CA THR A 108 6.76 29.76 9.65
C THR A 108 6.80 31.21 10.12
N ALA A 109 5.77 31.63 10.84
CA ALA A 109 5.74 32.99 11.34
C ALA A 109 6.79 33.06 12.45
N ARG A 110 6.83 32.03 13.28
CA ARG A 110 7.76 31.95 14.40
C ARG A 110 9.24 31.98 14.03
N LYS A 111 9.66 31.14 13.09
CA LYS A 111 11.06 31.12 12.75
C LYS A 111 11.45 31.87 11.48
N GLU A 112 10.50 32.61 10.91
CA GLU A 112 10.79 33.37 9.70
C GLU A 112 10.36 34.82 9.84
N ALA A 113 9.11 35.05 10.22
CA ALA A 113 8.60 36.41 10.39
C ALA A 113 9.29 37.10 11.56
N PHE A 114 9.24 36.46 12.72
CA PHE A 114 9.86 37.00 13.93
C PHE A 114 11.37 36.80 13.93
N THR A 115 12.05 37.35 12.93
CA THR A 115 13.50 37.26 12.83
C THR A 115 14.05 38.64 12.48
N GLU A 116 15.16 39.00 13.12
CA GLU A 116 15.80 40.29 12.88
C GLU A 116 15.85 40.60 11.40
N ALA A 117 16.19 39.59 10.60
CA ALA A 117 16.28 39.76 9.16
C ALA A 117 15.03 40.38 8.55
N ARG A 118 13.85 40.00 9.06
CA ARG A 118 12.59 40.53 8.54
C ARG A 118 12.03 41.74 9.28
N GLY A 119 12.78 42.27 10.24
CA GLY A 119 12.31 43.44 10.96
C GLY A 119 12.01 43.28 12.43
N ALA A 120 12.12 42.06 12.94
CA ALA A 120 11.87 41.84 14.36
C ALA A 120 12.87 42.68 15.13
N ARG A 121 12.38 43.40 16.14
CA ARG A 121 13.26 44.24 16.94
C ARG A 121 13.75 43.52 18.18
N ARG A 122 15.07 43.46 18.33
CA ARG A 122 15.71 42.79 19.46
C ARG A 122 15.14 43.31 20.79
N GLY A 123 14.74 42.38 21.65
CA GLY A 123 14.20 42.75 22.95
C GLY A 123 12.70 42.95 23.03
N VAL A 124 12.10 43.44 21.95
CA VAL A 124 10.66 43.70 21.90
C VAL A 124 9.78 42.44 22.04
N LYS A 125 8.57 42.63 22.55
CA LYS A 125 7.62 41.53 22.77
C LYS A 125 6.97 40.99 21.50
N LYS A 126 7.12 39.68 21.28
CA LYS A 126 6.56 39.02 20.09
C LYS A 126 5.10 38.61 20.28
N VAL A 127 4.24 39.05 19.36
CA VAL A 127 2.82 38.72 19.42
C VAL A 127 2.31 38.16 18.10
N MET A 128 1.68 36.98 18.18
CA MET A 128 1.14 36.29 17.01
C MET A 128 -0.38 36.19 17.06
N VAL A 129 -1.02 36.59 15.96
CA VAL A 129 -2.48 36.54 15.86
C VAL A 129 -2.86 35.54 14.75
N ILE A 130 -3.45 34.41 15.16
CA ILE A 130 -3.87 33.38 14.21
C ILE A 130 -5.38 33.39 14.01
N VAL A 131 -5.82 33.40 12.74
CA VAL A 131 -7.25 33.39 12.43
C VAL A 131 -7.58 32.24 11.50
N THR A 132 -8.41 31.31 11.94
CA THR A 132 -8.74 30.16 11.11
C THR A 132 -10.21 29.75 11.19
N ASP A 133 -10.67 28.99 10.21
CA ASP A 133 -12.07 28.53 10.17
C ASP A 133 -12.17 27.03 10.01
N GLY A 134 -11.13 26.31 10.41
CA GLY A 134 -11.17 24.86 10.28
C GLY A 134 -9.97 24.17 10.88
N GLU A 135 -10.18 22.91 11.26
CA GLU A 135 -9.14 22.09 11.84
C GLU A 135 -8.03 21.97 10.81
N SER A 136 -6.78 22.00 11.25
CA SER A 136 -5.67 21.90 10.33
C SER A 136 -5.38 20.48 9.87
N HIS A 137 -4.92 20.36 8.64
CA HIS A 137 -4.60 19.05 8.08
C HIS A 137 -3.28 18.57 8.71
N ASP A 138 -2.47 19.51 9.20
CA ASP A 138 -1.19 19.16 9.81
C ASP A 138 -1.20 19.32 11.34
N ASN A 139 -2.32 19.00 11.96
CA ASN A 139 -2.45 19.14 13.41
C ASN A 139 -1.57 18.17 14.19
N TYR A 140 -0.85 17.29 13.50
CA TYR A 140 0.02 16.34 14.18
C TYR A 140 1.37 16.93 14.59
N ARG A 141 1.61 18.18 14.21
CA ARG A 141 2.86 18.83 14.59
C ARG A 141 2.53 20.18 15.22
N LEU A 142 1.25 20.34 15.56
CA LEU A 142 0.77 21.56 16.17
C LEU A 142 1.28 21.70 17.60
N LYS A 143 1.33 20.59 18.33
CA LYS A 143 1.80 20.60 19.71
C LYS A 143 3.24 21.11 19.73
N GLN A 144 4.08 20.48 18.92
CA GLN A 144 5.48 20.84 18.81
C GLN A 144 5.63 22.31 18.42
N VAL A 145 4.85 22.74 17.43
CA VAL A 145 4.92 24.12 16.96
C VAL A 145 4.50 25.13 18.02
N ILE A 146 3.50 24.79 18.81
CA ILE A 146 3.04 25.69 19.85
C ILE A 146 4.09 25.80 20.95
N GLN A 147 4.62 24.65 21.37
CA GLN A 147 5.63 24.59 22.41
C GLN A 147 6.82 25.48 22.03
N ASP A 148 7.21 25.45 20.75
CA ASP A 148 8.33 26.26 20.28
C ASP A 148 8.00 27.76 20.30
N CYS A 149 6.70 28.09 20.32
CA CYS A 149 6.30 29.48 20.37
C CYS A 149 6.46 29.95 21.82
N GLU A 150 6.14 29.08 22.77
CA GLU A 150 6.29 29.42 24.19
C GLU A 150 7.78 29.60 24.48
N ASP A 151 8.58 28.66 23.97
CA ASP A 151 10.02 28.68 24.15
C ASP A 151 10.66 29.95 23.60
N GLU A 152 9.97 30.64 22.70
CA GLU A 152 10.49 31.88 22.16
C GLU A 152 9.67 33.03 22.73
N ASN A 153 8.91 32.71 23.77
CA ASN A 153 8.07 33.67 24.48
C ASN A 153 7.27 34.57 23.53
N ILE A 154 6.31 33.97 22.84
CA ILE A 154 5.45 34.68 21.91
C ILE A 154 4.01 34.59 22.39
N GLN A 155 3.39 35.74 22.64
CA GLN A 155 2.00 35.73 23.09
C GLN A 155 1.13 35.35 21.89
N ARG A 156 0.24 34.40 22.08
CA ARG A 156 -0.61 33.95 21.00
C ARG A 156 -2.10 34.20 21.22
N PHE A 157 -2.72 34.82 20.23
CA PHE A 157 -4.15 35.09 20.26
C PHE A 157 -4.74 34.33 19.08
N SER A 158 -5.68 33.44 19.36
CA SER A 158 -6.31 32.67 18.30
C SER A 158 -7.79 33.01 18.16
N ILE A 159 -8.24 33.10 16.91
CA ILE A 159 -9.62 33.43 16.58
C ILE A 159 -10.20 32.32 15.69
N ALA A 160 -11.28 31.69 16.15
CA ALA A 160 -11.90 30.64 15.38
C ALA A 160 -13.25 31.02 14.79
N ILE A 161 -13.37 30.85 13.47
CA ILE A 161 -14.60 31.13 12.75
C ILE A 161 -15.37 29.80 12.69
N LEU A 162 -16.55 29.75 13.29
CA LEU A 162 -17.33 28.51 13.32
C LEU A 162 -18.25 28.25 12.13
N GLY A 163 -18.35 29.20 11.20
CA GLY A 163 -19.21 29.05 10.05
C GLY A 163 -19.42 27.64 9.51
N HIS A 164 -18.47 27.16 8.72
CA HIS A 164 -18.53 25.84 8.11
C HIS A 164 -19.08 24.70 8.98
N TYR A 165 -18.79 24.73 10.27
CA TYR A 165 -19.27 23.67 11.15
C TYR A 165 -20.78 23.78 11.39
N ASN A 166 -21.26 25.01 11.53
CA ASN A 166 -22.68 25.25 11.74
C ASN A 166 -23.42 25.38 10.41
N LEU A 170 -22.94 19.33 12.84
CA LEU A 170 -21.52 19.12 13.10
C LEU A 170 -21.04 19.83 14.35
N SER A 171 -20.53 19.06 15.31
CA SER A 171 -20.03 19.67 16.54
C SER A 171 -18.78 20.46 16.24
N THR A 172 -18.63 21.58 16.93
CA THR A 172 -17.47 22.44 16.75
C THR A 172 -16.47 22.17 17.89
N GLU A 173 -16.86 21.29 18.80
CA GLU A 173 -16.07 20.96 19.97
C GLU A 173 -14.58 20.70 19.75
N LYS A 174 -14.24 19.67 18.99
CA LYS A 174 -12.84 19.35 18.75
C LYS A 174 -12.14 20.51 18.06
N PHE A 175 -12.86 21.20 17.20
CA PHE A 175 -12.32 22.36 16.50
C PHE A 175 -11.93 23.41 17.53
N VAL A 176 -12.85 23.68 18.47
CA VAL A 176 -12.63 24.67 19.52
C VAL A 176 -11.42 24.34 20.42
N GLU A 177 -11.29 23.07 20.82
CA GLU A 177 -10.16 22.69 21.66
C GLU A 177 -8.84 22.90 20.93
N GLU A 178 -8.83 22.63 19.63
CA GLU A 178 -7.61 22.82 18.84
C GLU A 178 -7.17 24.28 18.79
N ILE A 179 -8.09 25.17 18.44
CA ILE A 179 -7.76 26.59 18.34
C ILE A 179 -7.38 27.17 19.69
N LYS A 180 -8.05 26.71 20.74
CA LYS A 180 -7.74 27.19 22.09
C LYS A 180 -6.32 26.77 22.44
N SER A 181 -5.96 25.52 22.14
CA SER A 181 -4.62 25.04 22.47
C SER A 181 -3.54 25.90 21.81
N ILE A 182 -3.95 26.75 20.87
CA ILE A 182 -3.03 27.63 20.18
C ILE A 182 -2.82 28.92 20.98
N ALA A 183 -3.87 29.38 21.65
CA ALA A 183 -3.81 30.59 22.43
C ALA A 183 -3.00 30.38 23.71
N SER A 184 -2.45 31.47 24.24
CA SER A 184 -1.65 31.41 25.45
C SER A 184 -2.55 31.43 26.68
N GLU A 185 -2.08 30.86 27.78
CA GLU A 185 -2.86 30.85 29.04
C GLU A 185 -2.84 32.24 29.65
N PRO A 186 -3.97 32.69 30.20
CA PRO A 186 -5.22 31.93 30.27
C PRO A 186 -5.99 31.97 28.95
N THR A 187 -6.62 30.85 28.60
CA THR A 187 -7.39 30.74 27.36
C THR A 187 -8.44 31.83 27.22
N GLU A 188 -9.15 32.12 28.31
CA GLU A 188 -10.20 33.12 28.29
C GLU A 188 -9.80 34.52 27.84
N LYS A 189 -8.53 34.89 28.02
CA LYS A 189 -8.08 36.21 27.60
C LYS A 189 -7.10 36.14 26.43
N HIS A 190 -7.34 35.20 25.52
CA HIS A 190 -6.48 35.02 24.35
C HIS A 190 -7.24 34.38 23.18
N PHE A 191 -8.22 33.55 23.50
CA PHE A 191 -9.03 32.85 22.50
C PHE A 191 -10.38 33.48 22.21
N PHE A 192 -10.70 33.64 20.94
CA PHE A 192 -11.97 34.21 20.53
C PHE A 192 -12.77 33.20 19.70
N ASN A 193 -14.07 33.44 19.57
CA ASN A 193 -14.97 32.56 18.85
C ASN A 193 -16.05 33.39 18.14
N VAL A 194 -16.11 33.28 16.81
CA VAL A 194 -17.11 34.01 16.02
C VAL A 194 -17.95 33.07 15.17
N SER A 195 -19.20 33.46 14.93
CA SER A 195 -20.13 32.65 14.15
C SER A 195 -19.70 32.48 12.69
N ASP A 196 -19.19 33.55 12.08
CA ASP A 196 -18.75 33.48 10.68
C ASP A 196 -17.79 34.62 10.34
N GLU A 197 -17.35 34.66 9.09
CA GLU A 197 -16.42 35.68 8.63
C GLU A 197 -16.93 37.11 8.82
N LEU A 198 -18.25 37.28 8.87
CA LEU A 198 -18.84 38.60 9.07
C LEU A 198 -18.69 39.05 10.51
N ALA A 199 -18.83 38.10 11.44
CA ALA A 199 -18.74 38.41 12.86
C ALA A 199 -17.33 38.77 13.31
N LEU A 200 -16.34 38.63 12.42
CA LEU A 200 -14.95 38.94 12.75
C LEU A 200 -14.76 40.36 13.28
N VAL A 201 -15.52 41.31 12.74
CA VAL A 201 -15.39 42.70 13.17
C VAL A 201 -15.82 42.94 14.61
N THR A 202 -16.73 42.11 15.11
CA THR A 202 -17.22 42.25 16.48
C THR A 202 -16.18 41.83 17.52
N ILE A 203 -14.93 41.72 17.09
CA ILE A 203 -13.86 41.33 17.99
C ILE A 203 -12.76 42.38 18.12
N VAL A 204 -12.52 43.13 17.06
CA VAL A 204 -11.48 44.15 17.06
C VAL A 204 -11.34 44.87 18.40
N LYS A 205 -12.47 45.27 18.99
CA LYS A 205 -12.43 45.97 20.27
C LYS A 205 -11.78 45.11 21.35
N ALA A 206 -12.45 44.02 21.71
CA ALA A 206 -11.93 43.12 22.74
C ALA A 206 -10.53 42.64 22.39
N LEU A 207 -10.34 42.23 21.14
CA LEU A 207 -9.05 41.73 20.67
C LEU A 207 -7.92 42.73 20.96
N GLY A 208 -8.08 43.95 20.48
CA GLY A 208 -7.07 44.97 20.70
C GLY A 208 -6.85 45.29 22.17
N GLU A 209 -7.89 45.78 22.83
CA GLU A 209 -7.79 46.14 24.24
C GLU A 209 -7.58 44.94 25.15
N ARG A 210 -6.80 43.97 24.67
CA ARG A 210 -6.49 42.78 25.44
C ARG A 210 -5.06 42.42 25.06
N ILE A 211 -4.56 43.15 24.08
CA ILE A 211 -3.19 43.01 23.60
C ILE A 211 -2.46 44.21 24.19
N PHE A 212 -3.26 45.18 24.62
CA PHE A 212 -2.80 46.44 25.22
C PHE A 212 -1.44 46.93 24.72
N GLU B 1 -33.94 19.74 -2.52
CA GLU B 1 -32.73 19.07 -1.98
C GLU B 1 -31.48 19.41 -2.80
N VAL B 2 -30.31 19.26 -2.21
CA VAL B 2 -29.08 19.57 -2.94
C VAL B 2 -28.89 18.67 -4.15
N GLN B 3 -28.56 19.25 -5.29
CA GLN B 3 -28.37 18.46 -6.50
C GLN B 3 -27.43 19.08 -7.52
N LEU B 4 -26.78 18.22 -8.29
CA LEU B 4 -25.87 18.67 -9.35
C LEU B 4 -26.19 17.86 -10.58
N VAL B 5 -26.11 18.50 -11.75
CA VAL B 5 -26.40 17.83 -13.01
C VAL B 5 -25.39 18.12 -14.13
N GLU B 6 -24.59 17.12 -14.50
CA GLU B 6 -23.60 17.28 -15.56
C GLU B 6 -24.20 17.31 -16.97
N SER B 7 -23.48 17.93 -17.90
CA SER B 7 -23.91 18.04 -19.28
C SER B 7 -22.71 18.25 -20.20
N GLY B 8 -22.88 17.90 -21.47
CA GLY B 8 -21.83 18.12 -22.46
C GLY B 8 -21.05 16.94 -22.94
N GLY B 9 -21.24 15.79 -22.31
CA GLY B 9 -20.52 14.60 -22.74
C GLY B 9 -20.93 14.20 -24.15
N GLY B 10 -20.09 13.38 -24.79
CA GLY B 10 -20.36 12.92 -26.14
C GLY B 10 -19.09 12.42 -26.81
N LEU B 11 -19.19 12.02 -28.07
CA LEU B 11 -18.03 11.55 -28.82
C LEU B 11 -17.28 12.74 -29.39
N VAL B 12 -15.96 12.73 -29.24
CA VAL B 12 -15.11 13.82 -29.75
C VAL B 12 -13.80 13.17 -30.20
N GLN B 13 -13.23 13.68 -31.29
CA GLN B 13 -11.99 13.09 -31.80
C GLN B 13 -10.74 13.49 -31.02
N PRO B 14 -9.70 12.65 -31.09
CA PRO B 14 -8.44 12.93 -30.40
C PRO B 14 -7.92 14.27 -30.91
N GLY B 15 -7.52 15.14 -30.00
CA GLY B 15 -7.03 16.44 -30.41
C GLY B 15 -8.15 17.45 -30.42
N GLY B 16 -9.37 16.97 -30.21
CA GLY B 16 -10.52 17.86 -30.20
C GLY B 16 -10.77 18.55 -28.86
N SER B 17 -11.79 19.40 -28.82
CA SER B 17 -12.13 20.14 -27.63
C SER B 17 -13.56 19.79 -27.23
N LEU B 18 -13.89 19.98 -25.96
CA LEU B 18 -15.24 19.68 -25.48
C LEU B 18 -15.44 20.48 -24.19
N ARG B 19 -16.63 21.05 -24.02
CA ARG B 19 -16.95 21.86 -22.83
C ARG B 19 -18.06 21.22 -22.00
N LEU B 20 -17.76 20.90 -20.75
CA LEU B 20 -18.74 20.29 -19.85
C LEU B 20 -19.32 21.38 -18.98
N SER B 21 -20.53 21.19 -18.50
CA SER B 21 -21.16 22.20 -17.64
C SER B 21 -21.90 21.47 -16.55
N CYS B 22 -22.11 22.14 -15.43
CA CYS B 22 -22.82 21.52 -14.32
C CYS B 22 -23.70 22.52 -13.64
N ALA B 23 -24.98 22.19 -13.57
CA ALA B 23 -25.95 23.08 -12.94
C ALA B 23 -26.16 22.58 -11.52
N ALA B 24 -26.04 23.51 -10.57
CA ALA B 24 -26.22 23.18 -9.17
C ALA B 24 -27.53 23.78 -8.70
N SER B 25 -28.10 23.19 -7.67
CA SER B 25 -29.36 23.66 -7.10
C SER B 25 -29.53 23.11 -5.69
N GLY B 26 -30.35 23.79 -4.89
CA GLY B 26 -30.60 23.32 -3.53
C GLY B 26 -29.64 23.83 -2.46
N PHE B 27 -28.66 24.63 -2.87
CA PHE B 27 -27.69 25.19 -1.92
C PHE B 27 -27.11 26.48 -2.46
N THR B 28 -26.42 27.23 -1.61
CA THR B 28 -25.82 28.51 -2.01
C THR B 28 -24.49 28.29 -2.73
N PHE B 29 -24.61 27.85 -3.98
CA PHE B 29 -23.49 27.55 -4.87
C PHE B 29 -22.21 28.39 -4.71
N SER B 30 -22.34 29.71 -4.78
CA SER B 30 -21.18 30.60 -4.72
C SER B 30 -20.29 30.48 -3.49
N ARG B 31 -20.82 29.91 -2.43
CA ARG B 31 -20.06 29.76 -1.20
C ARG B 31 -19.21 28.47 -1.16
N TYR B 32 -19.44 27.56 -2.10
CA TYR B 32 -18.73 26.29 -2.10
C TYR B 32 -17.61 26.10 -3.11
N THR B 33 -16.55 25.39 -2.73
CA THR B 33 -15.49 25.14 -3.70
C THR B 33 -15.93 23.86 -4.44
N MET B 34 -15.89 23.91 -5.76
CA MET B 34 -16.36 22.81 -6.59
C MET B 34 -15.25 22.09 -7.34
N SER B 35 -15.50 20.83 -7.66
CA SER B 35 -14.54 20.00 -8.38
C SER B 35 -15.18 19.11 -9.45
N TRP B 36 -14.31 18.55 -10.29
CA TRP B 36 -14.69 17.61 -11.33
C TRP B 36 -13.85 16.37 -11.02
N VAL B 37 -14.49 15.20 -11.05
CA VAL B 37 -13.85 13.92 -10.79
C VAL B 37 -14.21 13.03 -11.99
N ARG B 38 -13.27 12.22 -12.45
CA ARG B 38 -13.53 11.37 -13.61
C ARG B 38 -13.29 9.91 -13.29
N GLN B 39 -13.88 9.03 -14.09
CA GLN B 39 -13.67 7.61 -13.90
C GLN B 39 -13.62 6.97 -15.27
N ALA B 40 -12.42 6.57 -15.69
CA ALA B 40 -12.23 5.91 -16.99
C ALA B 40 -12.97 4.59 -16.90
N PRO B 41 -13.41 4.03 -18.03
CA PRO B 41 -14.16 2.78 -18.06
C PRO B 41 -13.45 1.58 -17.44
N GLY B 42 -14.08 1.03 -16.39
CA GLY B 42 -13.51 -0.12 -15.70
C GLY B 42 -12.39 0.23 -14.74
N LYS B 43 -12.26 1.50 -14.39
CA LYS B 43 -11.19 1.93 -13.48
C LYS B 43 -11.66 2.72 -12.25
N GLY B 44 -10.71 3.22 -11.47
CA GLY B 44 -11.05 3.98 -10.28
C GLY B 44 -11.36 5.44 -10.52
N LEU B 45 -11.56 6.16 -9.42
CA LEU B 45 -11.89 7.58 -9.45
C LEU B 45 -10.62 8.42 -9.46
N GLU B 46 -10.68 9.57 -10.13
CA GLU B 46 -9.51 10.43 -10.22
C GLU B 46 -9.95 11.90 -10.20
N TRP B 47 -9.59 12.61 -9.14
CA TRP B 47 -9.91 14.02 -9.02
C TRP B 47 -9.21 14.74 -10.18
N VAL B 48 -9.86 15.74 -10.76
CA VAL B 48 -9.30 16.45 -11.91
C VAL B 48 -9.00 17.93 -11.74
N ALA B 49 -9.95 18.67 -11.22
CA ALA B 49 -9.77 20.10 -11.02
C ALA B 49 -10.68 20.61 -9.91
N VAL B 50 -10.34 21.78 -9.38
CA VAL B 50 -11.12 22.36 -8.31
C VAL B 50 -11.07 23.88 -8.38
N ILE B 51 -12.17 24.52 -7.99
CA ILE B 51 -12.23 25.97 -7.96
C ILE B 51 -12.92 26.35 -6.67
N SER B 52 -12.29 27.22 -5.89
CA SER B 52 -12.86 27.67 -4.63
C SER B 52 -13.95 28.71 -4.88
N GLY B 53 -14.68 29.05 -3.84
CA GLY B 53 -15.71 30.06 -3.96
C GLY B 53 -15.03 31.38 -4.23
N GLY B 54 -13.71 31.41 -4.00
CA GLY B 54 -12.94 32.62 -4.21
C GLY B 54 -12.40 32.72 -5.62
N GLY B 55 -12.59 31.69 -6.42
CA GLY B 55 -12.10 31.74 -7.80
C GLY B 55 -10.75 31.07 -8.01
N HIS B 56 -10.15 30.58 -6.94
CA HIS B 56 -8.84 29.93 -7.03
C HIS B 56 -8.97 28.51 -7.62
N THR B 57 -8.14 28.20 -8.61
CA THR B 57 -8.19 26.91 -9.25
C THR B 57 -6.93 26.07 -9.08
N TYR B 58 -7.12 24.75 -9.04
CA TYR B 58 -6.02 23.79 -8.89
C TYR B 58 -6.30 22.64 -9.85
N TYR B 59 -5.25 21.96 -10.28
CA TYR B 59 -5.38 20.89 -11.27
C TYR B 59 -4.54 19.63 -11.06
N LEU B 60 -4.97 18.55 -11.68
CA LEU B 60 -4.24 17.29 -11.65
C LEU B 60 -3.20 17.43 -12.78
N ASP B 61 -1.94 17.09 -12.51
CA ASP B 61 -0.88 17.22 -13.52
C ASP B 61 -1.26 16.81 -14.93
N SER B 62 -1.84 15.63 -15.08
CA SER B 62 -2.20 15.15 -16.41
C SER B 62 -3.17 16.01 -17.20
N VAL B 63 -3.75 17.03 -16.56
CA VAL B 63 -4.67 17.90 -17.29
C VAL B 63 -4.34 19.39 -17.22
N GLU B 64 -3.45 19.80 -16.32
CA GLU B 64 -3.12 21.21 -16.23
C GLU B 64 -2.47 21.66 -17.55
N GLY B 65 -2.98 22.73 -18.11
CA GLY B 65 -2.46 23.22 -19.37
C GLY B 65 -3.41 22.85 -20.51
N ARG B 66 -4.32 21.90 -20.25
CA ARG B 66 -5.29 21.50 -21.27
C ARG B 66 -6.72 21.77 -20.86
N PHE B 67 -7.03 21.48 -19.59
CA PHE B 67 -8.37 21.68 -19.03
C PHE B 67 -8.40 22.99 -18.24
N THR B 68 -9.55 23.64 -18.22
CA THR B 68 -9.69 24.89 -17.47
C THR B 68 -11.01 24.79 -16.72
N ILE B 69 -10.97 24.89 -15.40
CA ILE B 69 -12.21 24.84 -14.64
C ILE B 69 -12.65 26.27 -14.36
N SER B 70 -13.93 26.54 -14.50
CA SER B 70 -14.44 27.88 -14.25
C SER B 70 -15.82 27.79 -13.64
N ARG B 71 -16.35 28.91 -13.21
CA ARG B 71 -17.68 28.92 -12.64
C ARG B 71 -18.38 30.24 -12.95
N ASP B 72 -19.70 30.19 -13.03
CA ASP B 72 -20.51 31.38 -13.28
C ASP B 72 -21.61 31.36 -12.22
N ASN B 73 -21.38 32.10 -11.14
CA ASN B 73 -22.32 32.18 -10.02
C ASN B 73 -23.67 32.77 -10.34
N SER B 74 -23.76 33.53 -11.42
CA SER B 74 -25.06 34.13 -11.75
C SER B 74 -26.00 33.07 -12.28
N LYS B 75 -25.44 31.94 -12.72
CA LYS B 75 -26.26 30.86 -13.25
C LYS B 75 -26.10 29.58 -12.46
N ASN B 76 -25.39 29.67 -11.33
CA ASN B 76 -25.16 28.51 -10.49
C ASN B 76 -24.66 27.34 -11.34
N THR B 77 -23.70 27.62 -12.21
CA THR B 77 -23.15 26.59 -13.08
C THR B 77 -21.63 26.52 -13.00
N LEU B 78 -21.12 25.31 -13.15
CA LEU B 78 -19.70 25.02 -13.13
C LEU B 78 -19.33 24.53 -14.53
N TYR B 79 -18.13 24.87 -14.99
CA TYR B 79 -17.72 24.43 -16.32
C TYR B 79 -16.37 23.74 -16.31
N LEU B 80 -16.14 22.95 -17.35
CA LEU B 80 -14.86 22.30 -17.52
C LEU B 80 -14.57 22.40 -19.01
N GLN B 81 -13.61 23.25 -19.37
CA GLN B 81 -13.22 23.42 -20.76
C GLN B 81 -12.09 22.43 -21.02
N MET B 82 -12.30 21.46 -21.90
CA MET B 82 -11.27 20.46 -22.16
C MET B 82 -10.68 20.62 -23.56
N ASN B 83 -9.38 20.90 -23.64
CA ASN B 83 -8.72 21.04 -24.93
C ASN B 83 -7.70 19.92 -25.14
N SER B 84 -7.24 19.77 -26.38
CA SER B 84 -6.24 18.74 -26.71
C SER B 84 -6.58 17.38 -26.10
N LEU B 85 -7.84 17.00 -26.18
CA LEU B 85 -8.28 15.72 -25.63
C LEU B 85 -7.51 14.53 -26.18
N ARG B 86 -7.27 13.56 -25.32
CA ARG B 86 -6.56 12.35 -25.70
C ARG B 86 -7.48 11.19 -25.39
N ALA B 87 -7.22 10.03 -25.99
CA ALA B 87 -8.04 8.86 -25.74
C ALA B 87 -8.11 8.51 -24.25
N GLU B 88 -7.04 8.82 -23.50
CA GLU B 88 -6.99 8.51 -22.07
C GLU B 88 -7.96 9.37 -21.25
N ASP B 89 -8.49 10.41 -21.85
CA ASP B 89 -9.41 11.30 -21.16
C ASP B 89 -10.84 10.73 -21.23
N THR B 90 -11.00 9.58 -21.91
CA THR B 90 -12.32 8.96 -22.03
C THR B 90 -12.75 8.52 -20.65
N ALA B 91 -13.96 8.88 -20.27
CA ALA B 91 -14.44 8.53 -18.93
C ALA B 91 -15.78 9.19 -18.66
N VAL B 92 -16.34 8.91 -17.48
CA VAL B 92 -17.58 9.55 -17.05
C VAL B 92 -17.02 10.65 -16.16
N TYR B 93 -17.43 11.89 -16.44
CA TYR B 93 -16.99 13.03 -15.66
C TYR B 93 -18.10 13.41 -14.69
N TYR B 94 -17.73 13.57 -13.43
CA TYR B 94 -18.68 13.92 -12.39
C TYR B 94 -18.43 15.29 -11.85
N CYS B 95 -19.50 16.05 -11.69
CA CYS B 95 -19.39 17.37 -11.09
C CYS B 95 -19.61 17.04 -9.62
N THR B 96 -18.91 17.74 -8.73
CA THR B 96 -19.01 17.37 -7.34
C THR B 96 -18.83 18.57 -6.39
N ARG B 97 -19.62 18.61 -5.32
CA ARG B 97 -19.52 19.70 -4.35
C ARG B 97 -18.53 19.32 -3.26
N GLY B 98 -17.71 20.28 -2.83
CA GLY B 98 -16.72 20.01 -1.81
C GLY B 98 -17.11 20.53 -0.44
N PHE B 99 -16.45 19.98 0.57
CA PHE B 99 -16.65 20.37 1.96
C PHE B 99 -15.30 20.90 2.46
N GLY B 100 -15.31 21.86 3.39
CA GLY B 100 -14.05 22.39 3.89
C GLY B 100 -13.24 23.04 2.79
N ASP B 101 -11.98 22.66 2.63
CA ASP B 101 -11.17 23.25 1.56
C ASP B 101 -11.50 22.63 0.19
N GLY B 102 -12.52 21.76 0.15
CA GLY B 102 -12.94 21.13 -1.09
C GLY B 102 -12.62 19.66 -1.30
N GLY B 103 -11.72 19.12 -0.49
CA GLY B 103 -11.31 17.74 -0.63
C GLY B 103 -12.26 16.61 -0.27
N TYR B 104 -13.46 16.93 0.22
CA TYR B 104 -14.44 15.89 0.52
C TYR B 104 -15.62 16.14 -0.42
N PHE B 105 -15.85 15.18 -1.32
CA PHE B 105 -16.90 15.29 -2.32
C PHE B 105 -18.27 14.90 -1.79
N ASP B 106 -18.92 15.95 -1.30
CA ASP B 106 -20.23 16.06 -0.67
C ASP B 106 -21.45 15.64 -1.49
N VAL B 107 -21.43 16.03 -2.76
CA VAL B 107 -22.54 15.78 -3.66
C VAL B 107 -21.97 15.37 -5.01
N TRP B 108 -22.61 14.42 -5.69
CA TRP B 108 -22.17 13.99 -7.02
C TRP B 108 -23.39 14.01 -7.93
N GLY B 109 -23.16 14.29 -9.20
CA GLY B 109 -24.25 14.29 -10.15
C GLY B 109 -24.30 12.88 -10.66
N GLN B 110 -25.04 12.61 -11.73
CA GLN B 110 -25.10 11.26 -12.26
C GLN B 110 -23.96 11.03 -13.23
N GLY B 111 -23.31 12.12 -13.63
CA GLY B 111 -22.21 12.05 -14.56
C GLY B 111 -22.58 12.26 -16.01
N THR B 112 -21.56 12.52 -16.84
CA THR B 112 -21.75 12.70 -18.26
C THR B 112 -20.63 11.91 -18.92
N LEU B 113 -20.95 11.20 -20.01
CA LEU B 113 -19.99 10.33 -20.67
C LEU B 113 -19.17 11.01 -21.76
N VAL B 114 -17.85 11.05 -21.60
CA VAL B 114 -17.00 11.66 -22.61
C VAL B 114 -16.25 10.55 -23.30
N THR B 115 -16.43 10.45 -24.61
CA THR B 115 -15.72 9.41 -25.35
C THR B 115 -14.77 10.09 -26.31
N VAL B 116 -13.48 9.78 -26.17
CA VAL B 116 -12.47 10.36 -27.05
C VAL B 116 -11.94 9.27 -27.94
N SER B 117 -12.29 9.37 -29.22
CA SER B 117 -11.90 8.37 -30.19
C SER B 117 -12.04 8.86 -31.63
N SER B 118 -11.42 8.15 -32.55
CA SER B 118 -11.49 8.49 -33.97
C SER B 118 -12.56 7.64 -34.65
N ALA B 119 -12.95 6.55 -33.98
CA ALA B 119 -13.96 5.65 -34.50
C ALA B 119 -15.17 6.46 -34.94
N LYS B 120 -15.86 5.95 -35.94
CA LYS B 120 -17.03 6.61 -36.49
C LYS B 120 -18.32 6.15 -35.81
N THR B 121 -19.28 7.08 -35.65
CA THR B 121 -20.58 6.76 -35.08
C THR B 121 -21.19 5.66 -35.95
N THR B 122 -21.65 4.58 -35.35
CA THR B 122 -22.22 3.51 -36.17
C THR B 122 -23.43 2.90 -35.49
N PRO B 123 -24.45 2.59 -36.29
CA PRO B 123 -25.69 1.99 -35.78
C PRO B 123 -25.50 0.52 -35.45
N PRO B 124 -26.28 0.01 -34.49
CA PRO B 124 -26.18 -1.39 -34.11
C PRO B 124 -26.99 -2.24 -35.08
N SER B 125 -26.63 -3.51 -35.20
CA SER B 125 -27.38 -4.46 -36.02
C SER B 125 -28.03 -5.30 -34.94
N VAL B 126 -29.36 -5.33 -34.90
CA VAL B 126 -30.02 -6.10 -33.86
C VAL B 126 -30.58 -7.41 -34.44
N TYR B 127 -30.05 -8.52 -33.95
CA TYR B 127 -30.45 -9.84 -34.40
C TYR B 127 -31.21 -10.60 -33.32
N PRO B 128 -32.29 -11.29 -33.73
CA PRO B 128 -33.13 -12.08 -32.82
C PRO B 128 -32.43 -13.37 -32.43
N LEU B 129 -32.56 -13.79 -31.18
CA LEU B 129 -31.95 -15.02 -30.70
C LEU B 129 -33.01 -15.99 -30.19
N ALA B 130 -33.38 -16.96 -31.03
CA ALA B 130 -34.41 -17.95 -30.68
C ALA B 130 -33.82 -19.35 -30.69
N PRO B 131 -34.34 -20.23 -29.82
CA PRO B 131 -33.85 -21.63 -29.73
C PRO B 131 -34.03 -22.43 -31.00
N SER B 139 -39.30 -26.56 -19.48
CA SER B 139 -40.12 -25.87 -18.50
C SER B 139 -40.15 -24.37 -18.79
N MET B 140 -38.97 -23.79 -18.95
CA MET B 140 -38.85 -22.37 -19.24
C MET B 140 -37.85 -22.14 -20.37
N VAL B 141 -38.19 -21.22 -21.27
CA VAL B 141 -37.35 -20.93 -22.42
C VAL B 141 -36.52 -19.67 -22.24
N THR B 142 -35.35 -19.67 -22.85
CA THR B 142 -34.48 -18.51 -22.80
C THR B 142 -34.32 -17.98 -24.20
N LEU B 143 -34.60 -16.69 -24.38
CA LEU B 143 -34.49 -16.04 -25.67
C LEU B 143 -33.58 -14.84 -25.49
N GLY B 144 -33.30 -14.12 -26.57
CA GLY B 144 -32.45 -12.97 -26.47
C GLY B 144 -32.21 -12.28 -27.81
N CYS B 145 -31.35 -11.27 -27.79
CA CYS B 145 -31.01 -10.57 -29.00
C CYS B 145 -29.60 -10.02 -28.94
N LEU B 146 -28.90 -10.15 -30.06
CA LEU B 146 -27.53 -9.69 -30.20
C LEU B 146 -27.58 -8.27 -30.78
N VAL B 147 -26.98 -7.32 -30.06
CA VAL B 147 -26.91 -5.91 -30.46
C VAL B 147 -25.43 -5.65 -30.83
N LYS B 148 -25.10 -6.00 -32.06
CA LYS B 148 -23.73 -5.95 -32.57
C LYS B 148 -23.25 -4.82 -33.48
N GLY B 149 -22.01 -4.38 -33.22
CA GLY B 149 -21.35 -3.35 -34.03
C GLY B 149 -21.73 -1.88 -33.96
N TYR B 150 -22.00 -1.36 -32.77
CA TYR B 150 -22.39 0.04 -32.67
C TYR B 150 -21.32 0.88 -31.98
N PHE B 151 -21.45 2.20 -32.11
CA PHE B 151 -20.51 3.13 -31.50
C PHE B 151 -21.01 4.55 -31.64
N PRO B 152 -20.90 5.34 -30.58
CA PRO B 152 -20.33 5.01 -29.27
C PRO B 152 -21.44 4.55 -28.31
N GLU B 153 -21.13 4.47 -27.02
CA GLU B 153 -22.14 4.08 -26.03
C GLU B 153 -22.95 5.38 -25.83
N PRO B 154 -24.17 5.29 -25.29
CA PRO B 154 -24.89 4.09 -24.84
C PRO B 154 -25.91 3.54 -25.84
N VAL B 155 -26.57 2.47 -25.43
CA VAL B 155 -27.61 1.81 -26.19
C VAL B 155 -28.66 1.43 -25.13
N THR B 156 -29.93 1.56 -25.49
CA THR B 156 -31.01 1.24 -24.57
C THR B 156 -31.62 -0.10 -24.97
N VAL B 157 -31.84 -0.98 -23.99
CA VAL B 157 -32.42 -2.29 -24.24
C VAL B 157 -33.50 -2.67 -23.22
N THR B 158 -34.69 -2.99 -23.70
CA THR B 158 -35.78 -3.41 -22.83
C THR B 158 -36.47 -4.54 -23.55
N TRP B 159 -37.40 -5.22 -22.88
CA TRP B 159 -38.17 -6.30 -23.48
C TRP B 159 -39.65 -5.96 -23.30
N ASN B 160 -40.44 -6.20 -24.34
CA ASN B 160 -41.87 -5.90 -24.30
C ASN B 160 -42.08 -4.52 -23.67
N SER B 161 -41.25 -3.58 -24.12
CA SER B 161 -41.28 -2.19 -23.70
C SER B 161 -41.05 -1.97 -22.22
N GLY B 162 -40.38 -2.91 -21.58
CA GLY B 162 -40.12 -2.76 -20.16
C GLY B 162 -41.16 -3.42 -19.27
N SER B 163 -42.23 -3.93 -19.85
CA SER B 163 -43.24 -4.59 -19.01
C SER B 163 -42.66 -5.95 -18.59
N LEU B 164 -41.78 -6.52 -19.41
CA LEU B 164 -41.15 -7.80 -19.11
C LEU B 164 -39.75 -7.53 -18.56
N SER B 165 -39.67 -7.25 -17.27
CA SER B 165 -38.39 -6.92 -16.63
C SER B 165 -37.75 -8.04 -15.81
N SER B 166 -38.54 -9.06 -15.47
CA SER B 166 -38.01 -10.16 -14.69
C SER B 166 -37.27 -11.14 -15.59
N GLY B 167 -36.37 -11.92 -15.01
CA GLY B 167 -35.62 -12.90 -15.79
C GLY B 167 -34.87 -12.34 -16.98
N VAL B 168 -34.43 -11.10 -16.88
CA VAL B 168 -33.69 -10.43 -17.94
C VAL B 168 -32.20 -10.24 -17.60
N HIS B 169 -31.33 -10.52 -18.56
CA HIS B 169 -29.90 -10.35 -18.35
C HIS B 169 -29.25 -9.58 -19.51
N THR B 170 -29.00 -8.29 -19.29
CA THR B 170 -28.36 -7.46 -20.31
C THR B 170 -26.88 -7.35 -19.91
N PHE B 171 -26.03 -7.96 -20.72
CA PHE B 171 -24.61 -7.98 -20.43
C PHE B 171 -23.86 -6.73 -20.89
N PRO B 172 -22.82 -6.34 -20.14
CA PRO B 172 -22.03 -5.15 -20.51
C PRO B 172 -21.44 -5.29 -21.90
N ALA B 173 -21.41 -4.19 -22.63
CA ALA B 173 -20.87 -4.18 -23.97
C ALA B 173 -19.38 -4.45 -23.95
N VAL B 174 -18.89 -5.14 -24.97
CA VAL B 174 -17.49 -5.44 -25.10
C VAL B 174 -17.00 -4.68 -26.31
N LEU B 175 -15.95 -3.90 -26.14
CA LEU B 175 -15.42 -3.12 -27.23
C LEU B 175 -14.31 -3.86 -27.97
N GLN B 176 -14.46 -3.99 -29.28
CA GLN B 176 -13.47 -4.65 -30.11
C GLN B 176 -13.43 -4.02 -31.51
N SER B 177 -12.26 -3.53 -31.89
CA SER B 177 -12.05 -2.92 -33.19
C SER B 177 -12.96 -1.72 -33.45
N ASP B 178 -13.06 -0.85 -32.43
CA ASP B 178 -13.87 0.36 -32.51
C ASP B 178 -15.38 0.12 -32.63
N LEU B 179 -15.84 -1.03 -32.19
CA LEU B 179 -17.26 -1.33 -32.24
C LEU B 179 -17.70 -2.13 -31.04
N TYR B 180 -18.79 -1.71 -30.42
CA TYR B 180 -19.31 -2.42 -29.27
C TYR B 180 -20.28 -3.52 -29.70
N THR B 181 -20.53 -4.43 -28.77
CA THR B 181 -21.44 -5.54 -28.98
C THR B 181 -21.91 -5.93 -27.60
N LEU B 182 -23.18 -6.25 -27.48
CA LEU B 182 -23.72 -6.69 -26.20
C LEU B 182 -24.89 -7.59 -26.50
N SER B 183 -25.23 -8.43 -25.54
CA SER B 183 -26.32 -9.35 -25.70
C SER B 183 -27.23 -9.15 -24.52
N SER B 184 -28.43 -9.68 -24.64
CA SER B 184 -29.43 -9.59 -23.59
C SER B 184 -30.24 -10.87 -23.72
N SER B 185 -30.60 -11.45 -22.57
CA SER B 185 -31.40 -12.66 -22.59
C SER B 185 -32.57 -12.47 -21.67
N VAL B 186 -33.67 -13.15 -21.99
CA VAL B 186 -34.86 -13.08 -21.18
C VAL B 186 -35.41 -14.48 -21.08
N THR B 187 -35.85 -14.85 -19.89
CA THR B 187 -36.38 -16.19 -19.67
C THR B 187 -37.82 -16.08 -19.21
N VAL B 188 -38.70 -16.77 -19.93
CA VAL B 188 -40.11 -16.77 -19.60
C VAL B 188 -40.61 -18.22 -19.59
N PRO B 189 -41.75 -18.48 -18.92
CA PRO B 189 -42.24 -19.86 -18.92
C PRO B 189 -42.49 -20.30 -20.36
N SER B 190 -42.17 -21.56 -20.63
CA SER B 190 -42.32 -22.14 -21.97
C SER B 190 -43.73 -22.03 -22.52
N SER B 191 -44.71 -21.93 -21.62
CA SER B 191 -46.11 -21.82 -22.01
C SER B 191 -46.48 -20.36 -22.23
N THR B 192 -45.48 -19.52 -22.43
CA THR B 192 -45.69 -18.09 -22.66
C THR B 192 -45.22 -17.72 -24.05
N TRP B 193 -44.20 -18.44 -24.52
CA TRP B 193 -43.63 -18.20 -25.84
C TRP B 193 -43.70 -19.54 -26.59
N PRO B 194 -44.09 -19.50 -27.87
CA PRO B 194 -44.46 -18.30 -28.62
C PRO B 194 -45.94 -17.91 -28.61
N SER B 195 -46.74 -18.48 -27.70
CA SER B 195 -48.16 -18.13 -27.66
C SER B 195 -48.31 -16.63 -27.37
N GLU B 196 -47.49 -16.13 -26.44
CA GLU B 196 -47.49 -14.72 -26.08
C GLU B 196 -46.23 -14.11 -26.71
N THR B 197 -46.35 -12.86 -27.16
CA THR B 197 -45.28 -12.17 -27.83
C THR B 197 -44.10 -11.67 -26.99
N VAL B 198 -42.91 -11.84 -27.54
CA VAL B 198 -41.68 -11.40 -26.90
C VAL B 198 -40.85 -10.62 -27.91
N THR B 199 -40.55 -9.37 -27.60
CA THR B 199 -39.76 -8.55 -28.51
C THR B 199 -38.77 -7.67 -27.73
N CYS B 200 -37.55 -7.53 -28.24
CA CYS B 200 -36.59 -6.67 -27.53
C CYS B 200 -36.56 -5.29 -28.19
N ASN B 201 -36.61 -4.26 -27.36
CA ASN B 201 -36.61 -2.89 -27.83
C ASN B 201 -35.22 -2.31 -27.67
N VAL B 202 -34.61 -1.91 -28.78
CA VAL B 202 -33.28 -1.36 -28.77
C VAL B 202 -33.20 0.01 -29.45
N ALA B 203 -32.61 0.98 -28.75
CA ALA B 203 -32.44 2.32 -29.29
C ALA B 203 -30.98 2.71 -29.11
N HIS B 204 -30.46 3.44 -30.09
CA HIS B 204 -29.08 3.90 -30.05
C HIS B 204 -29.22 5.35 -30.42
N PRO B 205 -29.36 6.21 -29.41
CA PRO B 205 -29.51 7.64 -29.68
C PRO B 205 -28.45 8.34 -30.55
N ALA B 206 -27.19 7.92 -30.49
CA ALA B 206 -26.16 8.60 -31.28
C ALA B 206 -26.39 8.49 -32.79
N SER B 207 -27.07 7.44 -33.23
CA SER B 207 -27.34 7.28 -34.65
C SER B 207 -28.84 7.38 -34.87
N SER B 208 -29.57 7.85 -33.86
CA SER B 208 -31.01 7.99 -33.95
C SER B 208 -31.65 6.71 -34.53
N THR B 209 -31.30 5.58 -33.96
CA THR B 209 -31.82 4.29 -34.38
C THR B 209 -32.80 3.69 -33.34
N LYS B 210 -33.94 3.19 -33.81
CA LYS B 210 -34.95 2.57 -32.93
C LYS B 210 -35.38 1.28 -33.59
N VAL B 211 -35.46 0.20 -32.83
CA VAL B 211 -35.90 -1.05 -33.44
C VAL B 211 -36.54 -1.99 -32.43
N ASP B 212 -37.69 -2.54 -32.81
CA ASP B 212 -38.41 -3.50 -31.99
C ASP B 212 -38.27 -4.82 -32.71
N LYS B 213 -37.38 -5.67 -32.22
CA LYS B 213 -37.15 -6.95 -32.85
C LYS B 213 -37.90 -8.06 -32.13
N LYS B 214 -38.99 -8.51 -32.76
CA LYS B 214 -39.81 -9.57 -32.20
C LYS B 214 -39.02 -10.87 -32.29
N ILE B 215 -39.15 -11.74 -31.29
CA ILE B 215 -38.44 -13.00 -31.31
C ILE B 215 -39.38 -14.09 -31.85
N VAL B 216 -39.12 -14.53 -33.06
CA VAL B 216 -39.93 -15.55 -33.72
C VAL B 216 -39.25 -16.92 -33.68
N PRO B 217 -40.03 -17.97 -33.38
CA PRO B 217 -39.42 -19.31 -33.34
C PRO B 217 -38.90 -19.75 -34.70
N GLN C 1 2.63 14.28 -1.98
CA GLN C 1 1.84 13.24 -2.70
C GLN C 1 1.54 12.10 -1.74
N ILE C 2 0.33 11.57 -1.79
CA ILE C 2 -0.10 10.48 -0.92
C ILE C 2 -0.85 9.41 -1.69
N GLN C 3 -0.34 8.18 -1.62
CA GLN C 3 -0.96 7.07 -2.31
C GLN C 3 -1.72 6.20 -1.31
N LEU C 4 -2.91 5.75 -1.72
CA LEU C 4 -3.76 4.92 -0.88
C LEU C 4 -3.84 3.49 -1.40
N THR C 5 -3.62 2.50 -0.55
CA THR C 5 -3.73 1.11 -1.00
C THR C 5 -4.79 0.41 -0.14
N GLN C 6 -5.86 -0.03 -0.80
CA GLN C 6 -6.93 -0.70 -0.09
C GLN C 6 -6.72 -2.19 -0.11
N SER C 7 -7.13 -2.83 0.98
CA SER C 7 -7.02 -4.28 1.10
C SER C 7 -8.22 -4.79 1.90
N PRO C 8 -8.77 -5.93 1.50
CA PRO C 8 -8.28 -6.70 0.34
C PRO C 8 -8.78 -6.03 -0.94
N SER C 9 -8.18 -6.38 -2.07
CA SER C 9 -8.59 -5.81 -3.33
C SER C 9 -10.07 -6.15 -3.55
N SER C 10 -10.45 -7.33 -3.08
CA SER C 10 -11.83 -7.79 -3.17
C SER C 10 -12.04 -8.84 -2.08
N LEU C 11 -13.29 -9.01 -1.66
CA LEU C 11 -13.59 -10.00 -0.63
C LEU C 11 -14.99 -10.59 -0.80
N SER C 12 -15.17 -11.77 -0.22
CA SER C 12 -16.44 -12.47 -0.26
C SER C 12 -16.84 -12.86 1.16
N ALA C 13 -18.08 -12.55 1.53
CA ALA C 13 -18.55 -12.86 2.87
C ALA C 13 -20.04 -13.19 2.88
N SER C 14 -20.48 -13.82 3.97
CA SER C 14 -21.88 -14.21 4.13
C SER C 14 -22.65 -13.14 4.89
N VAL C 15 -23.97 -13.08 4.70
CA VAL C 15 -24.76 -12.09 5.41
C VAL C 15 -24.62 -12.39 6.90
N GLY C 16 -24.51 -11.34 7.70
CA GLY C 16 -24.36 -11.51 9.13
C GLY C 16 -22.90 -11.39 9.55
N ASP C 17 -22.00 -11.63 8.59
CA ASP C 17 -20.57 -11.54 8.87
C ASP C 17 -20.12 -10.12 9.18
N ARG C 18 -19.12 -10.02 10.04
CA ARG C 18 -18.54 -8.73 10.37
C ARG C 18 -17.41 -8.55 9.35
N VAL C 19 -17.50 -7.52 8.51
CA VAL C 19 -16.49 -7.26 7.48
C VAL C 19 -15.70 -5.98 7.76
N THR C 20 -14.39 -6.01 7.53
CA THR C 20 -13.51 -4.86 7.76
C THR C 20 -12.56 -4.60 6.60
N ILE C 21 -12.71 -3.43 5.97
CA ILE C 21 -11.87 -3.02 4.83
C ILE C 21 -10.80 -2.06 5.31
N THR C 22 -9.59 -2.21 4.77
CA THR C 22 -8.49 -1.35 5.18
C THR C 22 -7.93 -0.41 4.12
N CYS C 23 -7.50 0.77 4.57
CA CYS C 23 -6.93 1.77 3.67
C CYS C 23 -5.66 2.32 4.28
N SER C 24 -4.51 2.01 3.68
CA SER C 24 -3.23 2.48 4.20
C SER C 24 -2.65 3.57 3.34
N ALA C 25 -2.26 4.68 3.98
CA ALA C 25 -1.68 5.81 3.27
C ALA C 25 -0.17 5.75 3.30
N SER C 26 0.48 6.20 2.24
CA SER C 26 1.93 6.20 2.12
C SER C 26 2.59 7.26 3.01
N SER C 27 1.77 8.07 3.66
CA SER C 27 2.23 9.12 4.55
C SER C 27 1.03 9.39 5.45
N GLN C 28 1.27 9.82 6.68
CA GLN C 28 0.17 10.02 7.61
C GLN C 28 -0.82 11.12 7.24
N VAL C 29 -2.10 10.86 7.50
CA VAL C 29 -3.16 11.84 7.23
C VAL C 29 -4.04 11.85 8.48
N ASN C 30 -4.67 12.97 8.79
CA ASN C 30 -5.49 13.01 10.00
C ASN C 30 -6.97 12.69 9.82
N HIS C 31 -7.37 12.29 8.62
CA HIS C 31 -8.76 11.93 8.33
C HIS C 31 -8.85 11.11 7.04
N MET C 32 -9.89 10.28 6.94
CA MET C 32 -10.10 9.49 5.74
C MET C 32 -11.58 9.57 5.35
N PHE C 33 -11.85 9.38 4.08
CA PHE C 33 -13.22 9.46 3.61
C PHE C 33 -13.51 8.22 2.79
N TRP C 34 -14.77 7.82 2.75
CA TRP C 34 -15.16 6.64 1.98
C TRP C 34 -16.40 6.89 1.13
N TYR C 35 -16.49 6.17 0.02
CA TYR C 35 -17.62 6.27 -0.85
C TYR C 35 -18.01 4.87 -1.27
N GLN C 36 -19.30 4.68 -1.55
CA GLN C 36 -19.79 3.39 -2.01
C GLN C 36 -20.22 3.57 -3.46
N GLN C 37 -19.82 2.64 -4.32
CA GLN C 37 -20.23 2.72 -5.71
C GLN C 37 -20.73 1.37 -6.17
N LYS C 38 -21.93 1.37 -6.73
CA LYS C 38 -22.57 0.17 -7.25
C LYS C 38 -22.47 0.26 -8.78
N PRO C 39 -22.51 -0.89 -9.47
CA PRO C 39 -22.41 -1.00 -10.92
C PRO C 39 -23.27 -0.02 -11.72
N GLY C 40 -22.60 0.77 -12.55
CA GLY C 40 -23.28 1.73 -13.39
C GLY C 40 -23.80 2.97 -12.70
N LYS C 41 -23.36 3.22 -11.47
CA LYS C 41 -23.84 4.40 -10.76
C LYS C 41 -22.75 5.31 -10.20
N ALA C 42 -23.14 6.55 -9.94
CA ALA C 42 -22.25 7.53 -9.38
C ALA C 42 -21.85 7.14 -7.96
N PRO C 43 -20.62 7.48 -7.56
CA PRO C 43 -20.17 7.14 -6.21
C PRO C 43 -21.08 7.88 -5.24
N LYS C 44 -21.26 7.32 -4.03
CA LYS C 44 -22.09 7.97 -3.02
C LYS C 44 -21.29 8.22 -1.74
N PRO C 45 -21.43 9.42 -1.16
CA PRO C 45 -20.71 9.77 0.07
C PRO C 45 -21.15 8.75 1.11
N TRP C 46 -20.19 8.10 1.75
CA TRP C 46 -20.54 7.07 2.71
C TRP C 46 -20.05 7.41 4.12
N ILE C 47 -18.76 7.64 4.26
CA ILE C 47 -18.22 8.00 5.56
C ILE C 47 -17.25 9.15 5.42
N TYR C 48 -17.37 10.15 6.29
CA TYR C 48 -16.49 11.32 6.24
C TYR C 48 -15.89 11.65 7.61
N LEU C 49 -14.80 12.41 7.60
CA LEU C 49 -14.13 12.75 8.84
C LEU C 49 -13.83 11.46 9.61
N THR C 50 -13.43 10.44 8.86
CA THR C 50 -13.03 9.17 9.46
C THR C 50 -14.13 8.24 9.98
N SER C 51 -15.11 8.78 10.72
CA SER C 51 -16.15 7.93 11.29
C SER C 51 -17.59 8.45 11.28
N TYR C 52 -17.88 9.51 10.54
CA TYR C 52 -19.25 10.02 10.49
C TYR C 52 -19.95 9.37 9.30
N LEU C 53 -21.18 8.88 9.50
CA LEU C 53 -21.93 8.27 8.41
C LEU C 53 -22.68 9.39 7.71
N ALA C 54 -22.64 9.37 6.37
CA ALA C 54 -23.37 10.35 5.57
C ALA C 54 -24.84 10.01 5.75
N SER C 55 -25.71 11.01 5.61
CA SER C 55 -27.14 10.81 5.75
C SER C 55 -27.66 9.65 4.91
N GLY C 56 -28.41 8.75 5.52
CA GLY C 56 -28.96 7.62 4.79
C GLY C 56 -28.12 6.35 4.89
N VAL C 57 -26.90 6.47 5.37
CA VAL C 57 -26.03 5.29 5.51
C VAL C 57 -26.49 4.52 6.73
N PRO C 58 -26.93 3.27 6.54
CA PRO C 58 -27.40 2.45 7.66
C PRO C 58 -26.39 2.26 8.79
N SER C 59 -26.92 2.16 10.01
CA SER C 59 -26.14 2.01 11.23
C SER C 59 -25.11 0.88 11.31
N ARG C 60 -25.24 -0.15 10.48
CA ARG C 60 -24.27 -1.23 10.55
C ARG C 60 -22.87 -0.81 10.09
N PHE C 61 -22.79 0.36 9.46
CA PHE C 61 -21.52 0.89 8.96
C PHE C 61 -20.80 1.78 9.98
N SER C 62 -19.47 1.66 10.04
CA SER C 62 -18.67 2.51 10.91
C SER C 62 -17.27 2.70 10.32
N GLY C 63 -16.59 3.75 10.76
CA GLY C 63 -15.26 4.01 10.24
C GLY C 63 -14.30 4.34 11.37
N SER C 64 -13.04 3.94 11.22
CA SER C 64 -12.05 4.21 12.25
C SER C 64 -10.65 4.27 11.66
N GLY C 65 -9.70 4.72 12.48
CA GLY C 65 -8.33 4.79 12.04
C GLY C 65 -7.59 6.06 12.46
N SER C 66 -6.30 6.06 12.21
CA SER C 66 -5.44 7.19 12.52
C SER C 66 -4.10 6.90 11.88
N GLY C 67 -3.23 7.91 11.84
CA GLY C 67 -1.91 7.72 11.26
C GLY C 67 -1.97 7.41 9.79
N THR C 68 -1.54 6.20 9.42
CA THR C 68 -1.55 5.77 8.03
C THR C 68 -2.48 4.58 7.82
N ASP C 69 -3.24 4.21 8.84
CA ASP C 69 -4.17 3.09 8.72
C ASP C 69 -5.59 3.43 9.15
N TYR C 70 -6.52 3.42 8.19
CA TYR C 70 -7.93 3.70 8.43
C TYR C 70 -8.74 2.52 7.94
N THR C 71 -9.88 2.29 8.57
CA THR C 71 -10.76 1.19 8.20
C THR C 71 -12.23 1.58 8.10
N LEU C 72 -12.98 0.72 7.44
CA LEU C 72 -14.42 0.86 7.27
C LEU C 72 -14.93 -0.52 7.69
N THR C 73 -15.90 -0.56 8.58
CA THR C 73 -16.44 -1.83 9.05
C THR C 73 -17.96 -1.97 8.94
N ILE C 74 -18.41 -3.12 8.47
CA ILE C 74 -19.83 -3.43 8.36
C ILE C 74 -20.09 -4.51 9.43
N SER C 75 -20.83 -4.15 10.48
CA SER C 75 -21.13 -5.05 11.58
C SER C 75 -21.91 -6.31 11.21
N SER C 76 -22.80 -6.21 10.24
CA SER C 76 -23.60 -7.35 9.79
C SER C 76 -23.87 -7.20 8.30
N LEU C 77 -22.98 -7.76 7.50
CA LEU C 77 -23.08 -7.69 6.04
C LEU C 77 -24.47 -8.06 5.56
N GLN C 78 -25.12 -7.13 4.84
CA GLN C 78 -26.44 -7.39 4.27
C GLN C 78 -26.26 -7.54 2.77
N PRO C 79 -27.17 -8.27 2.11
CA PRO C 79 -27.02 -8.44 0.65
C PRO C 79 -26.93 -7.14 -0.15
N GLU C 80 -27.52 -6.07 0.37
CA GLU C 80 -27.52 -4.77 -0.29
C GLU C 80 -26.19 -4.01 -0.18
N ASP C 81 -25.23 -4.55 0.57
CA ASP C 81 -23.95 -3.86 0.74
C ASP C 81 -22.91 -4.21 -0.32
N PHE C 82 -23.26 -5.10 -1.25
CA PHE C 82 -22.33 -5.47 -2.30
C PHE C 82 -22.04 -4.18 -3.06
N ALA C 83 -20.76 -3.96 -3.36
CA ALA C 83 -20.33 -2.77 -4.07
C ALA C 83 -18.83 -2.63 -3.97
N THR C 84 -18.32 -1.57 -4.59
CA THR C 84 -16.90 -1.28 -4.52
C THR C 84 -16.82 -0.07 -3.60
N TYR C 85 -16.02 -0.17 -2.54
CA TYR C 85 -15.85 0.92 -1.57
C TYR C 85 -14.50 1.59 -1.79
N TYR C 86 -14.51 2.92 -1.86
CA TYR C 86 -13.27 3.67 -2.09
C TYR C 86 -12.96 4.56 -0.90
N CYS C 87 -11.69 4.57 -0.49
CA CYS C 87 -11.27 5.47 0.59
C CYS C 87 -10.68 6.64 -0.19
N GLN C 88 -10.53 7.79 0.45
CA GLN C 88 -10.02 8.96 -0.23
C GLN C 88 -9.44 9.91 0.81
N GLN C 89 -8.38 10.63 0.43
CA GLN C 89 -7.75 11.57 1.35
C GLN C 89 -7.72 12.97 0.78
N TRP C 90 -7.80 13.97 1.65
CA TRP C 90 -7.79 15.36 1.21
C TRP C 90 -6.60 16.11 1.81
N SER C 91 -5.66 15.35 2.35
CA SER C 91 -4.49 15.93 3.02
C SER C 91 -3.30 16.21 2.11
N GLY C 92 -3.19 15.47 1.02
CA GLY C 92 -2.08 15.66 0.11
C GLY C 92 -2.54 15.90 -1.32
N ASN C 93 -1.80 16.71 -2.06
CA ASN C 93 -2.15 17.00 -3.44
C ASN C 93 -1.35 16.13 -4.40
N PRO C 94 -2.01 15.62 -5.44
CA PRO C 94 -3.43 15.87 -5.68
C PRO C 94 -4.29 14.96 -4.80
N TRP C 95 -5.50 15.39 -4.48
CA TRP C 95 -6.40 14.55 -3.69
C TRP C 95 -6.49 13.21 -4.44
N THR C 96 -6.58 12.10 -3.72
CA THR C 96 -6.66 10.81 -4.40
C THR C 96 -7.51 9.77 -3.71
N PHE C 97 -7.93 8.78 -4.47
CA PHE C 97 -8.76 7.69 -3.97
C PHE C 97 -7.94 6.42 -3.92
N GLY C 98 -8.43 5.44 -3.16
CA GLY C 98 -7.74 4.16 -3.09
C GLY C 98 -8.22 3.47 -4.35
N GLN C 99 -7.65 2.31 -4.69
CA GLN C 99 -8.08 1.61 -5.89
C GLN C 99 -9.40 0.87 -5.61
N GLY C 100 -9.87 0.97 -4.37
CA GLY C 100 -11.13 0.36 -3.97
C GLY C 100 -11.16 -1.12 -3.60
N THR C 101 -12.15 -1.48 -2.77
CA THR C 101 -12.36 -2.85 -2.34
C THR C 101 -13.72 -3.26 -2.89
N LYS C 102 -13.75 -4.31 -3.69
CA LYS C 102 -15.00 -4.80 -4.26
C LYS C 102 -15.50 -5.86 -3.29
N VAL C 103 -16.69 -5.67 -2.73
CA VAL C 103 -17.23 -6.64 -1.80
C VAL C 103 -18.41 -7.38 -2.43
N GLU C 104 -18.40 -8.70 -2.30
CA GLU C 104 -19.45 -9.53 -2.85
C GLU C 104 -20.09 -10.38 -1.75
N ILE C 105 -21.33 -10.83 -1.99
CA ILE C 105 -22.09 -11.60 -1.01
C ILE C 105 -22.14 -13.09 -1.35
N LYS C 106 -21.87 -13.93 -0.36
CA LYS C 106 -21.91 -15.37 -0.57
C LYS C 106 -23.34 -15.88 -0.55
N ARG C 107 -23.57 -17.01 -1.22
CA ARG C 107 -24.89 -17.63 -1.27
C ARG C 107 -24.70 -19.07 -1.70
N ALA C 108 -25.78 -19.83 -1.68
CA ALA C 108 -25.72 -21.24 -2.07
C ALA C 108 -25.20 -21.41 -3.50
N ASP C 109 -24.39 -22.43 -3.71
CA ASP C 109 -23.86 -22.70 -5.04
C ASP C 109 -25.06 -23.03 -5.94
N ALA C 110 -25.02 -22.55 -7.18
CA ALA C 110 -26.10 -22.80 -8.11
C ALA C 110 -25.51 -23.07 -9.49
N ALA C 111 -26.03 -24.10 -10.16
CA ALA C 111 -25.52 -24.45 -11.48
C ALA C 111 -26.03 -23.45 -12.51
N PRO C 112 -25.24 -23.22 -13.56
CA PRO C 112 -25.61 -22.28 -14.62
C PRO C 112 -26.56 -22.92 -15.63
N THR C 113 -27.53 -22.13 -16.07
CA THR C 113 -28.48 -22.58 -17.07
C THR C 113 -27.84 -22.17 -18.40
N VAL C 114 -27.50 -23.13 -19.24
CA VAL C 114 -26.88 -22.80 -20.51
C VAL C 114 -27.84 -22.94 -21.67
N SER C 115 -27.82 -21.96 -22.56
CA SER C 115 -28.68 -21.96 -23.73
C SER C 115 -27.80 -21.58 -24.91
N ILE C 116 -27.87 -22.35 -25.99
CA ILE C 116 -27.06 -22.02 -27.15
C ILE C 116 -27.99 -21.53 -28.25
N PHE C 117 -27.50 -20.59 -29.05
CA PHE C 117 -28.29 -20.00 -30.13
C PHE C 117 -27.51 -19.94 -31.43
N PRO C 118 -28.06 -20.53 -32.50
CA PRO C 118 -27.40 -20.51 -33.80
C PRO C 118 -27.46 -19.10 -34.36
N PRO C 119 -26.68 -18.82 -35.40
CA PRO C 119 -26.66 -17.50 -36.03
C PRO C 119 -28.05 -17.12 -36.52
N SER C 120 -28.34 -15.83 -36.55
CA SER C 120 -29.63 -15.38 -37.05
C SER C 120 -29.54 -15.47 -38.57
N SER C 121 -30.63 -15.79 -39.25
CA SER C 121 -30.54 -15.83 -40.70
C SER C 121 -30.44 -14.37 -41.16
N GLU C 122 -30.88 -13.46 -40.30
CA GLU C 122 -30.84 -12.02 -40.58
C GLU C 122 -29.40 -11.53 -40.58
N GLN C 123 -28.53 -12.21 -39.83
CA GLN C 123 -27.14 -11.83 -39.77
C GLN C 123 -26.36 -12.45 -40.94
N LEU C 124 -26.67 -13.72 -41.23
CA LEU C 124 -26.02 -14.43 -42.32
C LEU C 124 -26.07 -13.67 -43.63
N THR C 125 -27.19 -12.98 -43.87
CA THR C 125 -27.35 -12.23 -45.12
C THR C 125 -26.31 -11.14 -45.29
N SER C 126 -25.62 -10.76 -44.22
CA SER C 126 -24.60 -9.72 -44.31
C SER C 126 -23.17 -10.27 -44.20
N GLY C 127 -23.02 -11.57 -44.41
CA GLY C 127 -21.69 -12.18 -44.36
C GLY C 127 -21.18 -12.68 -43.03
N GLY C 128 -21.75 -12.20 -41.92
CA GLY C 128 -21.29 -12.63 -40.61
C GLY C 128 -22.13 -13.76 -40.02
N ALA C 129 -21.60 -14.39 -38.97
CA ALA C 129 -22.29 -15.48 -38.30
C ALA C 129 -21.82 -15.58 -36.86
N SER C 130 -22.66 -15.14 -35.93
CA SER C 130 -22.32 -15.18 -34.51
C SER C 130 -23.13 -16.26 -33.81
N VAL C 131 -22.47 -17.05 -32.99
CA VAL C 131 -23.17 -18.09 -32.24
C VAL C 131 -23.13 -17.60 -30.80
N VAL C 132 -24.28 -17.67 -30.13
CA VAL C 132 -24.35 -17.18 -28.76
C VAL C 132 -24.69 -18.21 -27.71
N CYS C 133 -24.04 -18.10 -26.57
CA CYS C 133 -24.33 -19.01 -25.47
C CYS C 133 -24.46 -18.22 -24.16
N PHE C 134 -25.58 -18.37 -23.48
CA PHE C 134 -25.81 -17.69 -22.21
C PHE C 134 -25.62 -18.65 -21.04
N LEU C 135 -24.87 -18.22 -20.03
CA LEU C 135 -24.67 -19.02 -18.84
C LEU C 135 -25.28 -18.18 -17.72
N ASN C 136 -26.53 -18.47 -17.38
CA ASN C 136 -27.24 -17.68 -16.39
C ASN C 136 -27.39 -18.20 -14.97
N ASN C 137 -27.47 -17.24 -14.06
CA ASN C 137 -27.64 -17.45 -12.62
C ASN C 137 -26.90 -18.59 -11.97
N PHE C 138 -25.58 -18.51 -11.98
CA PHE C 138 -24.73 -19.53 -11.34
C PHE C 138 -23.98 -18.88 -10.19
N TYR C 139 -23.32 -19.73 -9.40
CA TYR C 139 -22.51 -19.28 -8.26
C TYR C 139 -21.71 -20.48 -7.78
N PRO C 140 -20.42 -20.28 -7.43
CA PRO C 140 -19.65 -19.03 -7.43
C PRO C 140 -19.51 -18.44 -8.83
N LYS C 141 -18.87 -17.27 -8.91
CA LYS C 141 -18.70 -16.62 -10.19
C LYS C 141 -17.53 -17.12 -11.01
N ASP C 142 -16.90 -18.20 -10.56
CA ASP C 142 -15.78 -18.78 -11.28
C ASP C 142 -16.36 -19.74 -12.31
N ILE C 143 -16.06 -19.50 -13.59
CA ILE C 143 -16.61 -20.35 -14.64
C ILE C 143 -15.73 -20.44 -15.90
N ASN C 144 -15.92 -21.49 -16.67
CA ASN C 144 -15.13 -21.68 -17.88
C ASN C 144 -15.97 -22.16 -19.06
N VAL C 145 -15.77 -21.51 -20.20
CA VAL C 145 -16.49 -21.84 -21.42
C VAL C 145 -15.55 -22.14 -22.57
N LYS C 146 -15.78 -23.26 -23.22
CA LYS C 146 -14.97 -23.67 -24.35
C LYS C 146 -15.86 -23.98 -25.53
N TRP C 147 -15.49 -23.49 -26.71
CA TRP C 147 -16.26 -23.74 -27.93
C TRP C 147 -15.66 -24.90 -28.72
N LYS C 148 -16.53 -25.77 -29.22
CA LYS C 148 -16.05 -26.92 -29.98
C LYS C 148 -16.77 -27.09 -31.31
N ILE C 149 -16.09 -26.72 -32.39
CA ILE C 149 -16.64 -26.86 -33.74
C ILE C 149 -16.31 -28.26 -34.25
N ASP C 150 -17.34 -29.02 -34.64
CA ASP C 150 -17.16 -30.38 -35.13
C ASP C 150 -16.18 -31.20 -34.30
N GLY C 151 -16.38 -31.21 -32.98
CA GLY C 151 -15.51 -31.97 -32.10
C GLY C 151 -14.17 -31.35 -31.77
N SER C 152 -13.67 -30.46 -32.64
CA SER C 152 -12.39 -29.82 -32.40
C SER C 152 -12.52 -28.45 -31.76
N GLU C 153 -11.91 -28.27 -30.59
CA GLU C 153 -11.97 -27.00 -29.87
C GLU C 153 -11.54 -25.83 -30.73
N ARG C 154 -12.22 -24.70 -30.56
CA ARG C 154 -11.90 -23.50 -31.32
C ARG C 154 -12.08 -22.28 -30.43
N GLN C 155 -11.17 -21.33 -30.54
CA GLN C 155 -11.26 -20.12 -29.72
C GLN C 155 -10.41 -18.96 -30.18
N ASN C 156 -10.66 -18.48 -31.40
CA ASN C 156 -9.93 -17.35 -31.95
C ASN C 156 -10.83 -16.12 -32.01
N GLY C 157 -12.10 -16.34 -32.32
CA GLY C 157 -13.05 -15.24 -32.39
C GLY C 157 -14.10 -15.32 -31.29
N VAL C 158 -13.64 -15.46 -30.05
CA VAL C 158 -14.55 -15.56 -28.92
C VAL C 158 -14.44 -14.35 -28.01
N LEU C 159 -15.58 -13.72 -27.73
CA LEU C 159 -15.63 -12.56 -26.86
C LEU C 159 -16.63 -12.81 -25.73
N ASN C 160 -16.17 -12.71 -24.49
CA ASN C 160 -17.03 -12.96 -23.34
C ASN C 160 -17.36 -11.71 -22.54
N SER C 161 -18.50 -11.77 -21.86
CA SER C 161 -18.93 -10.68 -21.02
C SER C 161 -19.59 -11.29 -19.81
N TRP C 162 -19.23 -10.78 -18.64
CA TRP C 162 -19.77 -11.27 -17.38
C TRP C 162 -20.50 -10.10 -16.74
N THR C 163 -21.61 -10.39 -16.08
CA THR C 163 -22.37 -9.35 -15.40
C THR C 163 -21.81 -9.27 -13.99
N ASP C 164 -22.15 -8.19 -13.29
CA ASP C 164 -21.71 -8.02 -11.92
C ASP C 164 -22.69 -8.89 -11.13
N GLN C 165 -22.48 -9.01 -9.82
CA GLN C 165 -23.36 -9.83 -9.02
C GLN C 165 -24.80 -9.29 -9.02
N ASP C 166 -25.75 -10.18 -9.23
CA ASP C 166 -27.17 -9.83 -9.29
C ASP C 166 -27.69 -9.17 -8.00
N SER C 167 -28.31 -8.00 -8.12
CA SER C 167 -28.83 -7.30 -6.95
C SER C 167 -30.05 -8.00 -6.35
N LYS C 168 -30.61 -8.97 -7.07
CA LYS C 168 -31.78 -9.69 -6.58
C LYS C 168 -31.50 -11.06 -5.95
N ASP C 169 -30.70 -11.89 -6.61
CA ASP C 169 -30.43 -13.22 -6.07
C ASP C 169 -28.96 -13.55 -5.83
N SER C 170 -28.10 -12.54 -5.92
CA SER C 170 -26.67 -12.69 -5.70
C SER C 170 -25.97 -13.68 -6.62
N THR C 171 -26.57 -13.98 -7.76
CA THR C 171 -25.94 -14.91 -8.70
C THR C 171 -25.10 -14.17 -9.75
N TYR C 172 -24.56 -14.92 -10.70
CA TYR C 172 -23.75 -14.35 -11.75
C TYR C 172 -24.15 -14.97 -13.07
N SER C 173 -23.96 -14.23 -14.15
CA SER C 173 -24.30 -14.73 -15.48
C SER C 173 -23.24 -14.24 -16.44
N MET C 174 -23.11 -14.91 -17.58
CA MET C 174 -22.13 -14.50 -18.57
C MET C 174 -22.53 -15.03 -19.92
N SER C 175 -22.15 -14.30 -20.97
CA SER C 175 -22.46 -14.73 -22.31
C SER C 175 -21.17 -14.86 -23.08
N SER C 176 -21.13 -15.82 -24.00
CA SER C 176 -19.96 -16.06 -24.82
C SER C 176 -20.40 -15.99 -26.28
N THR C 177 -19.77 -15.13 -27.06
CA THR C 177 -20.11 -14.97 -28.47
C THR C 177 -18.96 -15.36 -29.39
N LEU C 178 -19.22 -16.36 -30.25
CA LEU C 178 -18.23 -16.84 -31.23
C LEU C 178 -18.59 -16.31 -32.60
N THR C 179 -17.79 -15.38 -33.12
CA THR C 179 -18.05 -14.79 -34.42
C THR C 179 -17.15 -15.32 -35.54
N LEU C 180 -17.78 -15.88 -36.57
CA LEU C 180 -17.09 -16.41 -37.74
C LEU C 180 -17.76 -15.76 -38.94
N THR C 181 -17.19 -15.98 -40.12
CA THR C 181 -17.76 -15.44 -41.35
C THR C 181 -18.81 -16.45 -41.82
N LYS C 182 -19.75 -16.01 -42.64
CA LYS C 182 -20.78 -16.90 -43.14
C LYS C 182 -20.16 -18.14 -43.77
N ASP C 183 -19.02 -17.96 -44.45
CA ASP C 183 -18.34 -19.08 -45.10
C ASP C 183 -17.75 -20.09 -44.11
N GLU C 184 -17.01 -19.61 -43.12
CA GLU C 184 -16.44 -20.53 -42.14
C GLU C 184 -17.57 -21.33 -41.50
N TYR C 185 -18.60 -20.61 -41.05
CA TYR C 185 -19.76 -21.21 -40.41
C TYR C 185 -20.41 -22.32 -41.24
N GLU C 186 -20.50 -22.12 -42.55
CA GLU C 186 -21.12 -23.13 -43.41
C GLU C 186 -20.16 -24.24 -43.76
N ARG C 187 -18.89 -24.01 -43.45
CA ARG C 187 -17.84 -24.99 -43.71
C ARG C 187 -18.00 -26.15 -42.73
N HIS C 188 -18.47 -25.84 -41.52
CA HIS C 188 -18.67 -26.86 -40.49
C HIS C 188 -20.14 -27.17 -40.27
N ASN C 189 -20.42 -28.14 -39.40
CA ASN C 189 -21.81 -28.53 -39.14
C ASN C 189 -22.25 -28.49 -37.68
N SER C 190 -21.54 -29.22 -36.81
CA SER C 190 -21.92 -29.24 -35.41
C SER C 190 -21.18 -28.21 -34.57
N TYR C 191 -21.94 -27.40 -33.85
CA TYR C 191 -21.39 -26.36 -32.98
C TYR C 191 -21.85 -26.62 -31.57
N THR C 192 -20.91 -26.66 -30.63
CA THR C 192 -21.24 -26.92 -29.23
C THR C 192 -20.52 -25.99 -28.27
N CYS C 193 -21.20 -25.67 -27.18
CA CYS C 193 -20.67 -24.79 -26.16
C CYS C 193 -20.53 -25.55 -24.84
N GLU C 194 -19.33 -25.52 -24.26
CA GLU C 194 -19.06 -26.23 -23.01
C GLU C 194 -18.80 -25.36 -21.79
N ALA C 195 -19.54 -25.64 -20.72
CA ALA C 195 -19.41 -24.88 -19.49
C ALA C 195 -18.96 -25.72 -18.31
N THR C 196 -17.77 -25.43 -17.80
CA THR C 196 -17.23 -26.15 -16.65
C THR C 196 -17.43 -25.28 -15.41
N HIS C 197 -18.06 -25.86 -14.39
CA HIS C 197 -18.33 -25.14 -13.15
C HIS C 197 -18.29 -26.11 -11.96
N LYS C 198 -17.89 -25.62 -10.79
CA LYS C 198 -17.79 -26.49 -9.62
C LYS C 198 -19.09 -27.19 -9.25
N THR C 199 -20.20 -26.81 -9.88
CA THR C 199 -21.49 -27.43 -9.56
C THR C 199 -21.64 -28.89 -10.02
N SER C 200 -20.94 -29.26 -11.09
CA SER C 200 -21.01 -30.64 -11.59
C SER C 200 -19.62 -31.10 -12.03
N THR C 201 -19.41 -32.40 -12.01
CA THR C 201 -18.12 -32.96 -12.39
C THR C 201 -17.86 -32.77 -13.87
N SER C 202 -18.86 -33.12 -14.68
CA SER C 202 -18.76 -32.99 -16.12
C SER C 202 -19.37 -31.67 -16.59
N PRO C 203 -18.84 -31.11 -17.69
CA PRO C 203 -19.33 -29.84 -18.24
C PRO C 203 -20.78 -29.93 -18.70
N ILE C 204 -21.53 -28.85 -18.51
CA ILE C 204 -22.92 -28.83 -18.97
C ILE C 204 -22.75 -28.54 -20.46
N VAL C 205 -23.32 -29.39 -21.31
CA VAL C 205 -23.17 -29.21 -22.74
C VAL C 205 -24.45 -28.99 -23.53
N LYS C 206 -24.40 -27.97 -24.40
CA LYS C 206 -25.52 -27.63 -25.26
C LYS C 206 -24.93 -27.47 -26.66
N SER C 207 -25.75 -27.71 -27.68
CA SER C 207 -25.23 -27.60 -29.05
C SER C 207 -26.32 -27.74 -30.11
N PHE C 208 -25.90 -27.73 -31.37
CA PHE C 208 -26.82 -27.87 -32.49
C PHE C 208 -26.08 -28.24 -33.77
N ASN C 209 -26.83 -28.71 -34.77
CA ASN C 209 -26.28 -29.07 -36.07
C ASN C 209 -27.03 -28.25 -37.11
N ARG C 210 -27.06 -28.72 -38.36
CA ARG C 210 -27.76 -28.01 -39.42
C ARG C 210 -28.28 -29.00 -40.48
N LEU D 23 18.76 -29.97 -40.28
CA LEU D 23 18.00 -29.18 -39.26
C LEU D 23 18.90 -28.37 -38.33
N ASP D 24 18.38 -27.23 -37.88
CA ASP D 24 19.13 -26.37 -36.97
C ASP D 24 18.62 -26.61 -35.55
N ILE D 25 19.54 -26.79 -34.61
CA ILE D 25 19.13 -27.03 -33.23
C ILE D 25 19.70 -26.00 -32.26
N VAL D 26 18.85 -25.48 -31.40
CA VAL D 26 19.28 -24.51 -30.39
C VAL D 26 18.92 -25.00 -29.00
N ILE D 27 19.95 -25.27 -28.19
CA ILE D 27 19.75 -25.75 -26.83
C ILE D 27 19.75 -24.57 -25.87
N VAL D 28 18.66 -24.43 -25.13
CA VAL D 28 18.50 -23.35 -24.16
C VAL D 28 18.85 -23.89 -22.79
N LEU D 29 19.98 -23.44 -22.24
CA LEU D 29 20.45 -23.90 -20.94
C LEU D 29 20.15 -23.05 -19.73
N ASP D 30 19.60 -23.67 -18.70
CA ASP D 30 19.28 -23.00 -17.45
C ASP D 30 20.58 -22.98 -16.64
N GLY D 31 21.11 -21.79 -16.38
CA GLY D 31 22.35 -21.68 -15.63
C GLY D 31 22.21 -20.84 -14.37
N SER D 32 21.00 -20.80 -13.82
CA SER D 32 20.72 -20.04 -12.61
C SER D 32 21.42 -20.64 -11.39
N ASN D 33 21.54 -19.86 -10.32
CA ASN D 33 22.18 -20.32 -9.07
C ASN D 33 21.71 -21.75 -8.77
N SER D 34 20.42 -21.96 -8.91
CA SER D 34 19.79 -23.26 -8.66
C SER D 34 20.55 -24.45 -9.26
N ILE D 35 21.05 -24.30 -10.49
CA ILE D 35 21.76 -25.38 -11.18
C ILE D 35 23.07 -25.78 -10.48
N TYR D 36 23.21 -27.06 -10.16
CA TYR D 36 24.42 -27.54 -9.47
C TYR D 36 24.54 -29.07 -9.55
N PRO D 37 25.71 -29.59 -9.95
CA PRO D 37 26.92 -28.86 -10.35
C PRO D 37 26.93 -28.69 -11.87
N TRP D 38 27.54 -27.62 -12.34
CA TRP D 38 27.60 -27.32 -13.77
C TRP D 38 28.31 -28.38 -14.60
N GLU D 39 29.30 -29.06 -14.02
CA GLU D 39 30.03 -30.08 -14.74
C GLU D 39 29.10 -31.16 -15.26
N SER D 40 28.14 -31.57 -14.43
CA SER D 40 27.19 -32.61 -14.80
C SER D 40 26.30 -32.18 -15.97
N VAL D 41 26.13 -30.87 -16.14
CA VAL D 41 25.32 -30.36 -17.24
C VAL D 41 26.11 -30.42 -18.54
N ILE D 42 27.29 -29.82 -18.53
CA ILE D 42 28.14 -29.81 -19.71
C ILE D 42 28.44 -31.23 -20.17
N ALA D 43 28.50 -32.16 -19.22
CA ALA D 43 28.74 -33.56 -19.54
C ALA D 43 27.56 -34.09 -20.34
N PHE D 44 26.41 -33.45 -20.16
CA PHE D 44 25.20 -33.85 -20.87
C PHE D 44 25.26 -33.33 -22.31
N LEU D 45 25.82 -32.14 -22.49
CA LEU D 45 25.95 -31.57 -23.83
C LEU D 45 26.89 -32.44 -24.62
N ASN D 46 27.92 -32.92 -23.94
CA ASN D 46 28.93 -33.77 -24.53
C ASN D 46 28.34 -35.06 -25.10
N ASP D 47 27.44 -35.68 -24.35
CA ASP D 47 26.81 -36.93 -24.80
C ASP D 47 26.01 -36.72 -26.09
N LEU D 48 25.27 -35.62 -26.16
CA LEU D 48 24.45 -35.30 -27.33
C LEU D 48 25.28 -34.78 -28.50
N LEU D 49 26.08 -33.75 -28.23
CA LEU D 49 26.92 -33.13 -29.25
C LEU D 49 28.04 -34.04 -29.78
N LYS D 50 27.86 -35.34 -29.66
CA LYS D 50 28.85 -36.29 -30.15
C LYS D 50 28.11 -37.42 -30.87
N ARG D 51 27.02 -37.06 -31.54
CA ARG D 51 26.21 -38.00 -32.29
C ARG D 51 25.48 -37.28 -33.42
N GLY D 55 27.81 -29.75 -39.49
CA GLY D 55 28.37 -28.99 -40.60
C GLY D 55 27.37 -28.06 -41.28
N PRO D 56 27.86 -27.02 -41.97
CA PRO D 56 27.06 -26.02 -42.68
C PRO D 56 25.99 -26.60 -43.61
N LYS D 57 26.14 -27.88 -43.95
CA LYS D 57 25.19 -28.56 -44.81
C LYS D 57 24.49 -29.68 -44.03
N GLN D 58 24.99 -29.90 -42.82
CA GLN D 58 24.44 -30.94 -41.94
C GLN D 58 23.65 -30.33 -40.78
N THR D 59 23.82 -30.91 -39.60
CA THR D 59 23.12 -30.44 -38.41
C THR D 59 23.90 -29.31 -37.74
N GLN D 60 23.23 -28.19 -37.48
CA GLN D 60 23.86 -27.07 -36.83
C GLN D 60 23.36 -26.96 -35.39
N VAL D 61 24.22 -26.44 -34.51
CA VAL D 61 23.86 -26.31 -33.10
C VAL D 61 24.24 -24.98 -32.48
N GLY D 62 23.25 -24.35 -31.84
CA GLY D 62 23.49 -23.08 -31.18
C GLY D 62 23.12 -23.22 -29.72
N ILE D 63 23.94 -22.65 -28.83
CA ILE D 63 23.67 -22.76 -27.40
C ILE D 63 23.41 -21.40 -26.77
N VAL D 64 22.34 -21.34 -25.98
CA VAL D 64 21.94 -20.13 -25.28
C VAL D 64 21.76 -20.46 -23.81
N GLN D 65 22.41 -19.71 -22.93
CA GLN D 65 22.26 -19.96 -21.50
C GLN D 65 21.51 -18.81 -20.86
N TYR D 66 20.57 -19.14 -19.97
CA TYR D 66 19.78 -18.11 -19.30
C TYR D 66 19.74 -18.26 -17.78
N GLY D 67 19.51 -17.14 -17.12
CA GLY D 67 19.41 -17.07 -15.67
C GLY D 67 18.51 -15.90 -15.32
N GLU D 68 19.11 -14.74 -15.03
CA GLU D 68 18.37 -13.52 -14.73
C GLU D 68 18.16 -12.89 -16.10
N ASN D 69 19.19 -13.04 -16.93
CA ASN D 69 19.20 -12.53 -18.29
C ASN D 69 19.71 -13.64 -19.20
N VAL D 70 19.72 -13.38 -20.52
CA VAL D 70 20.15 -14.36 -21.50
C VAL D 70 21.35 -13.96 -22.34
N THR D 71 22.26 -14.90 -22.54
CA THR D 71 23.46 -14.65 -23.35
C THR D 71 23.70 -15.81 -24.33
N HIS D 72 24.13 -15.47 -25.53
CA HIS D 72 24.40 -16.46 -26.58
C HIS D 72 25.80 -17.04 -26.43
N GLU D 73 25.89 -18.32 -26.06
CA GLU D 73 27.21 -18.93 -25.93
C GLU D 73 27.90 -18.85 -27.28
N PHE D 74 27.24 -19.40 -28.31
CA PHE D 74 27.75 -19.35 -29.67
C PHE D 74 26.62 -19.59 -30.68
N ASN D 75 26.76 -18.98 -31.86
CA ASN D 75 25.75 -19.08 -32.91
C ASN D 75 25.69 -20.46 -33.57
N LEU D 76 24.69 -20.66 -34.42
CA LEU D 76 24.51 -21.93 -35.13
C LEU D 76 25.60 -22.13 -36.18
N ASN D 77 26.09 -21.04 -36.75
CA ASN D 77 27.12 -21.10 -37.79
C ASN D 77 28.50 -20.61 -37.33
N LYS D 78 28.96 -21.07 -36.17
CA LYS D 78 30.28 -20.65 -35.68
C LYS D 78 31.28 -21.80 -35.69
N TYR D 79 30.76 -23.03 -35.69
CA TYR D 79 31.64 -24.20 -35.70
C TYR D 79 31.21 -25.26 -36.71
N SER D 80 32.04 -26.30 -36.87
CA SER D 80 31.77 -27.39 -37.80
C SER D 80 32.70 -28.57 -37.58
N GLU D 83 32.51 -31.68 -34.39
CA GLU D 83 33.79 -31.90 -33.71
C GLU D 83 34.35 -30.61 -33.14
N GLU D 84 34.34 -29.56 -33.96
CA GLU D 84 34.86 -28.26 -33.55
C GLU D 84 33.97 -27.68 -32.45
N VAL D 85 32.78 -28.27 -32.29
CA VAL D 85 31.83 -27.82 -31.28
C VAL D 85 32.14 -28.37 -29.90
N LEU D 86 32.31 -29.69 -29.80
CA LEU D 86 32.63 -30.31 -28.52
C LEU D 86 33.59 -29.44 -27.74
N VAL D 87 34.58 -28.89 -28.43
CA VAL D 87 35.56 -28.03 -27.79
C VAL D 87 34.85 -26.82 -27.17
N ALA D 88 34.09 -26.10 -28.00
CA ALA D 88 33.36 -24.93 -27.54
C ALA D 88 32.39 -25.26 -26.40
N ALA D 89 31.55 -26.27 -26.62
CA ALA D 89 30.57 -26.68 -25.62
C ALA D 89 31.21 -26.98 -24.26
N ASN D 90 32.15 -27.90 -24.22
CA ASN D 90 32.82 -28.27 -22.98
C ASN D 90 33.56 -27.09 -22.34
N LYS D 91 33.46 -25.91 -22.96
CA LYS D 91 34.10 -24.73 -22.43
C LYS D 91 33.06 -23.69 -21.95
N ILE D 92 31.79 -24.09 -21.94
CA ILE D 92 30.72 -23.20 -21.51
C ILE D 92 30.69 -23.05 -19.99
N VAL D 93 30.72 -21.82 -19.51
CA VAL D 93 30.71 -21.52 -18.08
C VAL D 93 29.32 -21.12 -17.59
N GLN D 94 28.99 -21.52 -16.36
CA GLN D 94 27.71 -21.16 -15.77
C GLN D 94 27.74 -19.66 -15.49
N ARG D 95 26.68 -18.96 -15.87
CA ARG D 95 26.61 -17.52 -15.66
C ARG D 95 25.75 -17.15 -14.45
N GLY D 96 25.23 -18.15 -13.77
CA GLY D 96 24.41 -17.92 -12.59
C GLY D 96 23.18 -17.06 -12.86
N GLY D 97 22.46 -16.73 -11.79
CA GLY D 97 21.25 -15.92 -11.92
C GLY D 97 20.31 -16.08 -10.74
N ARG D 98 19.78 -14.96 -10.24
CA ARG D 98 18.87 -14.96 -9.11
C ARG D 98 17.44 -15.36 -9.44
N GLN D 99 17.15 -15.48 -10.74
CA GLN D 99 15.82 -15.93 -11.17
C GLN D 99 16.00 -16.97 -12.27
N THR D 100 14.97 -17.78 -12.49
CA THR D 100 14.98 -18.79 -13.52
C THR D 100 13.99 -18.30 -14.57
N MET D 101 14.45 -17.41 -15.43
CA MET D 101 13.60 -16.81 -16.46
C MET D 101 13.52 -17.67 -17.72
N THR D 102 12.85 -18.82 -17.62
CA THR D 102 12.72 -19.72 -18.75
C THR D 102 11.99 -19.07 -19.94
N ALA D 103 10.89 -18.38 -19.66
CA ALA D 103 10.15 -17.72 -20.72
C ALA D 103 11.09 -16.80 -21.51
N LEU D 104 11.72 -15.85 -20.82
CA LEU D 104 12.64 -14.91 -21.43
C LEU D 104 13.71 -15.66 -22.21
N GLY D 105 14.07 -16.84 -21.70
CA GLY D 105 15.08 -17.64 -22.36
C GLY D 105 14.60 -18.29 -23.64
N ILE D 106 13.42 -18.92 -23.58
CA ILE D 106 12.87 -19.57 -24.76
C ILE D 106 12.46 -18.55 -25.81
N ASP D 107 12.25 -17.32 -25.39
CA ASP D 107 11.84 -16.28 -26.31
C ASP D 107 13.04 -15.65 -27.01
N THR D 108 14.07 -15.30 -26.23
CA THR D 108 15.26 -14.71 -26.82
C THR D 108 15.84 -15.70 -27.82
N ALA D 109 15.58 -16.98 -27.61
CA ALA D 109 16.06 -18.00 -28.52
C ALA D 109 15.23 -17.92 -29.80
N ARG D 110 13.91 -17.85 -29.63
CA ARG D 110 12.99 -17.77 -30.76
C ARG D 110 13.28 -16.59 -31.69
N LYS D 111 13.72 -15.47 -31.13
CA LYS D 111 14.01 -14.31 -31.96
C LYS D 111 15.41 -13.71 -31.79
N GLU D 112 16.43 -14.52 -32.01
CA GLU D 112 17.81 -14.06 -31.90
C GLU D 112 18.79 -15.16 -32.26
N ALA D 113 18.48 -16.37 -31.84
CA ALA D 113 19.34 -17.52 -32.12
C ALA D 113 18.83 -18.23 -33.37
N PHE D 114 17.57 -17.99 -33.71
CA PHE D 114 16.96 -18.60 -34.88
C PHE D 114 16.75 -17.57 -35.98
N THR D 115 17.63 -16.57 -36.02
CA THR D 115 17.56 -15.53 -37.04
C THR D 115 18.69 -15.80 -38.02
N GLU D 116 18.55 -15.32 -39.25
CA GLU D 116 19.59 -15.54 -40.25
C GLU D 116 20.87 -14.88 -39.78
N ALA D 117 20.74 -13.87 -38.91
CA ALA D 117 21.88 -13.16 -38.36
C ALA D 117 22.86 -14.10 -37.69
N ARG D 118 22.37 -15.26 -37.26
CA ARG D 118 23.21 -16.26 -36.59
C ARG D 118 23.27 -17.59 -37.34
N GLY D 119 22.73 -17.63 -38.56
CA GLY D 119 22.76 -18.84 -39.37
C GLY D 119 21.52 -19.72 -39.30
N ALA D 120 20.35 -19.11 -39.22
CA ALA D 120 19.10 -19.86 -39.12
C ALA D 120 18.87 -20.87 -40.24
N ARG D 121 19.20 -20.49 -41.47
CA ARG D 121 19.02 -21.36 -42.65
C ARG D 121 17.54 -21.54 -42.98
N LYS D 126 13.50 -26.93 -37.63
CA LYS D 126 14.02 -26.16 -36.50
C LYS D 126 13.69 -26.81 -35.16
N VAL D 127 14.69 -26.93 -34.30
CA VAL D 127 14.49 -27.54 -32.99
C VAL D 127 15.16 -26.78 -31.84
N MET D 128 14.47 -26.77 -30.70
CA MET D 128 14.94 -26.10 -29.49
C MET D 128 14.88 -27.08 -28.32
N VAL D 129 15.98 -27.21 -27.60
CA VAL D 129 16.05 -28.11 -26.44
C VAL D 129 16.18 -27.31 -25.16
N ILE D 130 15.20 -27.46 -24.27
CA ILE D 130 15.19 -26.73 -23.02
C ILE D 130 15.49 -27.59 -21.80
N VAL D 131 16.50 -27.18 -21.04
CA VAL D 131 16.89 -27.92 -19.84
C VAL D 131 16.74 -26.98 -18.64
N THR D 132 15.87 -27.35 -17.71
CA THR D 132 15.65 -26.55 -16.52
C THR D 132 15.41 -27.42 -15.28
N ASP D 133 15.60 -26.84 -14.09
CA ASP D 133 15.40 -27.59 -12.85
C ASP D 133 14.51 -26.85 -11.85
N GLY D 134 13.70 -25.92 -12.33
CA GLY D 134 12.83 -25.18 -11.43
C GLY D 134 11.76 -24.39 -12.15
N GLU D 135 10.71 -24.05 -11.42
CA GLU D 135 9.61 -23.28 -12.00
C GLU D 135 10.11 -21.88 -12.32
N SER D 136 9.76 -21.39 -13.50
CA SER D 136 10.19 -20.08 -13.93
C SER D 136 9.50 -18.95 -13.18
N HIS D 137 10.20 -17.83 -13.02
CA HIS D 137 9.66 -16.66 -12.34
C HIS D 137 8.81 -15.85 -13.32
N ASP D 138 9.16 -15.90 -14.60
CA ASP D 138 8.41 -15.21 -15.64
C ASP D 138 7.38 -16.16 -16.24
N ASN D 139 6.82 -16.99 -15.37
CA ASN D 139 5.82 -17.99 -15.71
C ASN D 139 4.58 -17.40 -16.36
N TYR D 140 4.21 -16.18 -15.96
CA TYR D 140 3.02 -15.52 -16.47
C TYR D 140 3.02 -15.14 -17.95
N ARG D 141 4.08 -15.50 -18.67
CA ARG D 141 4.09 -15.17 -20.09
C ARG D 141 4.68 -16.33 -20.86
N LEU D 142 4.66 -17.50 -20.24
CA LEU D 142 5.18 -18.71 -20.87
C LEU D 142 4.19 -19.10 -21.97
N LYS D 143 2.91 -18.82 -21.74
CA LYS D 143 1.84 -19.12 -22.70
C LYS D 143 2.12 -18.43 -24.04
N GLN D 144 2.21 -17.11 -24.01
CA GLN D 144 2.46 -16.31 -25.21
C GLN D 144 3.75 -16.69 -25.91
N VAL D 145 4.81 -16.89 -25.14
CA VAL D 145 6.10 -17.24 -25.71
C VAL D 145 6.06 -18.61 -26.37
N ILE D 146 5.31 -19.54 -25.79
CA ILE D 146 5.19 -20.88 -26.33
C ILE D 146 4.50 -20.86 -27.69
N GLN D 147 3.32 -20.24 -27.73
CA GLN D 147 2.55 -20.12 -28.96
C GLN D 147 3.41 -19.48 -30.04
N ASP D 148 4.08 -18.38 -29.70
CA ASP D 148 4.96 -17.67 -30.63
C ASP D 148 5.97 -18.63 -31.24
N CYS D 149 6.41 -19.61 -30.46
CA CYS D 149 7.36 -20.60 -30.94
C CYS D 149 6.68 -21.57 -31.90
N GLU D 150 5.37 -21.77 -31.72
CA GLU D 150 4.61 -22.65 -32.60
C GLU D 150 4.33 -21.96 -33.93
N ASP D 151 4.05 -20.66 -33.86
CA ASP D 151 3.78 -19.90 -35.08
C ASP D 151 4.98 -19.99 -36.02
N GLU D 152 6.17 -19.99 -35.45
CA GLU D 152 7.40 -20.08 -36.26
C GLU D 152 7.79 -21.54 -36.47
N ASN D 153 6.87 -22.45 -36.14
CA ASN D 153 7.07 -23.89 -36.29
C ASN D 153 8.39 -24.39 -35.71
N ILE D 154 8.58 -24.19 -34.41
CA ILE D 154 9.80 -24.64 -33.76
C ILE D 154 9.54 -25.88 -32.91
N GLN D 155 10.18 -26.99 -33.27
CA GLN D 155 10.05 -28.24 -32.53
C GLN D 155 10.60 -28.03 -31.12
N ARG D 156 9.79 -28.32 -30.11
CA ARG D 156 10.19 -28.12 -28.72
C ARG D 156 10.39 -29.38 -27.87
N PHE D 157 11.64 -29.61 -27.47
CA PHE D 157 11.97 -30.75 -26.61
C PHE D 157 12.39 -30.14 -25.26
N SER D 158 11.72 -30.56 -24.19
CA SER D 158 12.04 -30.03 -22.86
C SER D 158 12.40 -31.10 -21.82
N ILE D 159 13.39 -30.78 -20.99
CA ILE D 159 13.86 -31.68 -19.93
C ILE D 159 13.73 -31.00 -18.58
N ALA D 160 13.19 -31.73 -17.61
CA ALA D 160 13.00 -31.20 -16.27
C ALA D 160 13.77 -32.00 -15.23
N ILE D 161 14.54 -31.29 -14.41
CA ILE D 161 15.33 -31.92 -13.35
C ILE D 161 14.61 -31.73 -12.02
N LEU D 162 14.14 -32.82 -11.42
CA LEU D 162 13.41 -32.77 -10.17
C LEU D 162 14.29 -32.73 -8.92
N GLY D 163 15.59 -32.53 -9.11
CA GLY D 163 16.52 -32.49 -7.99
C GLY D 163 16.11 -31.75 -6.73
N HIS D 164 15.79 -30.47 -6.85
CA HIS D 164 15.40 -29.65 -5.70
C HIS D 164 14.08 -30.00 -5.04
N TYR D 165 13.28 -30.85 -5.69
CA TYR D 165 12.00 -31.23 -5.10
C TYR D 165 12.03 -32.68 -4.63
N SER D 171 6.66 -31.29 -3.49
CA SER D 171 5.72 -31.59 -4.57
C SER D 171 6.30 -31.15 -5.91
N THR D 172 6.15 -31.99 -6.93
CA THR D 172 6.70 -31.67 -8.25
C THR D 172 5.66 -31.64 -9.36
N GLU D 173 4.45 -32.10 -9.10
CA GLU D 173 3.43 -32.13 -10.15
C GLU D 173 3.24 -30.81 -10.88
N LYS D 174 3.17 -29.70 -10.16
CA LYS D 174 3.00 -28.41 -10.81
C LYS D 174 4.23 -28.09 -11.66
N PHE D 175 5.40 -28.41 -11.13
CA PHE D 175 6.64 -28.18 -11.84
C PHE D 175 6.67 -28.98 -13.14
N VAL D 176 6.32 -30.26 -13.05
CA VAL D 176 6.30 -31.14 -14.20
C VAL D 176 5.38 -30.64 -15.32
N GLU D 177 4.16 -30.26 -14.94
CA GLU D 177 3.18 -29.78 -15.89
C GLU D 177 3.63 -28.53 -16.65
N GLU D 178 4.32 -27.63 -15.95
CA GLU D 178 4.80 -26.41 -16.57
C GLU D 178 5.77 -26.74 -17.68
N ILE D 179 6.67 -27.69 -17.43
CA ILE D 179 7.66 -28.07 -18.42
C ILE D 179 7.03 -28.91 -19.52
N LYS D 180 5.92 -29.57 -19.20
CA LYS D 180 5.23 -30.37 -20.20
C LYS D 180 4.55 -29.42 -21.19
N SER D 181 3.94 -28.36 -20.67
CA SER D 181 3.26 -27.39 -21.52
C SER D 181 4.24 -26.68 -22.45
N ILE D 182 5.52 -26.96 -22.27
CA ILE D 182 6.55 -26.35 -23.10
C ILE D 182 6.89 -27.25 -24.27
N ALA D 183 6.75 -28.56 -24.08
CA ALA D 183 7.04 -29.53 -25.13
C ALA D 183 5.99 -29.53 -26.23
N SER D 184 6.40 -29.92 -27.42
CA SER D 184 5.51 -29.99 -28.57
C SER D 184 4.62 -31.21 -28.42
N GLU D 185 3.51 -31.21 -29.15
CA GLU D 185 2.58 -32.34 -29.13
C GLU D 185 3.15 -33.36 -30.13
N PRO D 186 3.15 -34.65 -29.76
CA PRO D 186 2.66 -35.19 -28.49
C PRO D 186 3.56 -34.90 -27.30
N THR D 187 2.94 -34.49 -26.19
CA THR D 187 3.67 -34.18 -24.96
C THR D 187 4.09 -35.45 -24.22
N GLU D 188 4.68 -36.39 -24.96
CA GLU D 188 5.13 -37.65 -24.37
C GLU D 188 6.37 -38.13 -25.12
N LYS D 189 6.62 -37.50 -26.27
CA LYS D 189 7.77 -37.85 -27.09
C LYS D 189 8.62 -36.58 -27.24
N HIS D 190 8.47 -35.66 -26.28
CA HIS D 190 9.20 -34.40 -26.28
C HIS D 190 9.62 -34.01 -24.86
N PHE D 191 8.93 -34.56 -23.87
CA PHE D 191 9.23 -34.26 -22.47
C PHE D 191 9.94 -35.38 -21.72
N PHE D 192 11.10 -35.06 -21.13
CA PHE D 192 11.87 -36.03 -20.37
C PHE D 192 12.00 -35.62 -18.91
N ASN D 193 11.91 -36.60 -18.02
CA ASN D 193 12.02 -36.35 -16.59
C ASN D 193 13.31 -36.97 -16.06
N VAL D 194 13.97 -36.26 -15.14
CA VAL D 194 15.21 -36.76 -14.56
C VAL D 194 15.27 -36.47 -13.06
N SER D 195 15.79 -37.44 -12.30
CA SER D 195 15.90 -37.30 -10.85
C SER D 195 16.80 -36.13 -10.46
N ASP D 196 17.95 -36.01 -11.11
CA ASP D 196 18.88 -34.93 -10.83
C ASP D 196 19.86 -34.71 -11.98
N GLU D 197 20.72 -33.71 -11.85
CA GLU D 197 21.68 -33.38 -12.89
C GLU D 197 22.58 -34.53 -13.34
N LEU D 198 23.17 -35.24 -12.40
CA LEU D 198 24.04 -36.36 -12.72
C LEU D 198 23.38 -37.39 -13.63
N ALA D 199 22.05 -37.40 -13.63
CA ALA D 199 21.30 -38.35 -14.44
C ALA D 199 20.87 -37.78 -15.80
N LEU D 200 21.29 -36.56 -16.13
CA LEU D 200 20.92 -35.97 -17.40
C LEU D 200 21.43 -36.85 -18.54
N VAL D 201 22.55 -37.51 -18.31
CA VAL D 201 23.14 -38.37 -19.32
C VAL D 201 22.36 -39.66 -19.55
N THR D 202 21.60 -40.09 -18.54
CA THR D 202 20.81 -41.32 -18.64
C THR D 202 19.65 -41.21 -19.63
N ILE D 203 19.58 -40.11 -20.35
CA ILE D 203 18.48 -39.93 -21.29
C ILE D 203 18.90 -39.34 -22.64
N VAL D 204 20.19 -39.10 -22.82
CA VAL D 204 20.68 -38.53 -24.08
C VAL D 204 20.42 -39.48 -25.24
N LYS D 205 20.43 -40.78 -24.98
CA LYS D 205 20.17 -41.77 -26.01
C LYS D 205 18.76 -41.59 -26.56
N ALA D 206 17.79 -41.63 -25.66
CA ALA D 206 16.39 -41.48 -26.03
C ALA D 206 16.10 -40.11 -26.62
N LEU D 207 16.88 -39.11 -26.21
CA LEU D 207 16.68 -37.76 -26.72
C LEU D 207 17.30 -37.66 -28.12
N GLY D 208 18.31 -38.48 -28.36
CA GLY D 208 18.97 -38.48 -29.66
C GLY D 208 18.29 -39.33 -30.71
N GLU D 209 17.62 -40.39 -30.28
CA GLU D 209 16.94 -41.29 -31.21
C GLU D 209 15.44 -40.97 -31.24
N ARG D 210 15.10 -39.72 -30.90
CA ARG D 210 13.72 -39.29 -30.88
C ARG D 210 13.59 -37.90 -31.49
N ILE D 211 14.72 -37.23 -31.65
CA ILE D 211 14.75 -35.91 -32.25
C ILE D 211 15.39 -36.10 -33.62
N PHE D 212 16.24 -37.12 -33.69
CA PHE D 212 16.98 -37.49 -34.90
C PHE D 212 17.31 -36.33 -35.83
N GLU E 1 20.25 -30.15 13.97
CA GLU E 1 19.53 -29.71 12.74
C GLU E 1 20.30 -28.65 11.96
N VAL E 2 19.59 -27.97 11.08
CA VAL E 2 20.21 -26.95 10.26
C VAL E 2 20.42 -25.69 11.10
N GLN E 3 21.63 -25.15 11.07
CA GLN E 3 21.91 -23.96 11.84
C GLN E 3 23.01 -23.13 11.20
N LEU E 4 22.98 -21.83 11.47
CA LEU E 4 23.97 -20.91 10.95
C LEU E 4 24.31 -20.00 12.12
N VAL E 5 25.58 -19.65 12.27
CA VAL E 5 26.01 -18.79 13.38
C VAL E 5 26.90 -17.65 12.88
N GLU E 6 26.40 -16.43 12.99
CA GLU E 6 27.10 -15.23 12.56
C GLU E 6 28.15 -14.82 13.59
N SER E 7 29.24 -14.23 13.10
CA SER E 7 30.34 -13.75 13.95
C SER E 7 31.04 -12.56 13.29
N GLY E 8 31.64 -11.69 14.11
CA GLY E 8 32.38 -10.56 13.55
C GLY E 8 31.88 -9.18 13.92
N GLY E 9 30.62 -9.07 14.28
CA GLY E 9 30.07 -7.77 14.65
C GLY E 9 30.88 -7.08 15.74
N GLY E 10 30.70 -5.76 15.86
CA GLY E 10 31.41 -4.98 16.84
C GLY E 10 31.41 -3.51 16.46
N LEU E 11 32.03 -2.68 17.29
CA LEU E 11 32.11 -1.24 17.03
C LEU E 11 33.26 -0.91 16.08
N VAL E 12 32.96 -0.18 15.02
CA VAL E 12 33.97 0.20 14.03
C VAL E 12 33.73 1.66 13.62
N GLN E 13 34.80 2.38 13.32
CA GLN E 13 34.69 3.77 12.93
C GLN E 13 34.35 3.94 11.47
N PRO E 14 33.68 5.05 11.14
CA PRO E 14 33.30 5.33 9.75
C PRO E 14 34.57 5.29 8.90
N GLY E 15 34.47 4.74 7.70
CA GLY E 15 35.64 4.64 6.84
C GLY E 15 36.42 3.38 7.13
N GLY E 16 36.13 2.75 8.27
CA GLY E 16 36.83 1.53 8.65
C GLY E 16 36.30 0.27 7.99
N SER E 17 36.91 -0.88 8.31
CA SER E 17 36.50 -2.15 7.74
C SER E 17 36.26 -3.21 8.80
N LEU E 18 35.45 -4.22 8.46
CA LEU E 18 35.13 -5.28 9.40
C LEU E 18 34.80 -6.53 8.60
N ARG E 19 35.28 -7.68 9.05
CA ARG E 19 35.03 -8.94 8.34
C ARG E 19 34.11 -9.84 9.15
N LEU E 20 32.94 -10.15 8.59
CA LEU E 20 31.95 -11.01 9.24
C LEU E 20 32.03 -12.43 8.70
N SER E 21 31.75 -13.41 9.55
CA SER E 21 31.78 -14.80 9.10
C SER E 21 30.56 -15.57 9.60
N CYS E 22 30.23 -16.64 8.90
CA CYS E 22 29.09 -17.43 9.30
C CYS E 22 29.37 -18.91 9.14
N ALA E 23 29.27 -19.64 10.23
CA ALA E 23 29.51 -21.08 10.21
C ALA E 23 28.19 -21.80 9.95
N ALA E 24 28.21 -22.75 9.03
CA ALA E 24 27.00 -23.50 8.72
C ALA E 24 27.17 -24.96 9.11
N SER E 25 26.09 -25.56 9.60
CA SER E 25 26.11 -26.96 9.98
C SER E 25 24.74 -27.62 9.83
N GLY E 26 24.73 -28.93 9.63
CA GLY E 26 23.46 -29.63 9.51
C GLY E 26 22.93 -29.86 8.12
N PHE E 27 23.65 -29.37 7.12
CA PHE E 27 23.22 -29.55 5.73
C PHE E 27 24.47 -29.46 4.87
N THR E 28 24.35 -29.84 3.61
CA THR E 28 25.48 -29.82 2.70
C THR E 28 25.69 -28.42 2.13
N PHE E 29 26.41 -27.63 2.90
CA PHE E 29 26.71 -26.23 2.59
C PHE E 29 27.06 -25.90 1.14
N SER E 30 28.03 -26.60 0.57
CA SER E 30 28.48 -26.32 -0.79
C SER E 30 27.43 -26.32 -1.88
N ARG E 31 26.26 -26.91 -1.62
CA ARG E 31 25.22 -26.96 -2.63
C ARG E 31 24.29 -25.73 -2.63
N TYR E 32 24.10 -25.14 -1.46
CA TYR E 32 23.19 -24.00 -1.32
C TYR E 32 23.75 -22.62 -1.63
N THR E 33 22.89 -21.75 -2.16
CA THR E 33 23.32 -20.39 -2.43
C THR E 33 23.02 -19.66 -1.12
N MET E 34 23.99 -18.90 -0.62
CA MET E 34 23.87 -18.20 0.65
C MET E 34 23.77 -16.67 0.53
N SER E 35 23.17 -16.04 1.54
CA SER E 35 23.01 -14.58 1.53
C SER E 35 23.26 -13.94 2.90
N TRP E 36 23.30 -12.60 2.89
CA TRP E 36 23.45 -11.79 4.08
C TRP E 36 22.31 -10.77 4.03
N VAL E 37 21.57 -10.64 5.12
CA VAL E 37 20.45 -9.69 5.21
C VAL E 37 20.76 -8.82 6.42
N ARG E 38 20.42 -7.53 6.33
CA ARG E 38 20.70 -6.61 7.42
C ARG E 38 19.43 -5.92 7.91
N GLN E 39 19.46 -5.50 9.16
CA GLN E 39 18.33 -4.81 9.75
C GLN E 39 18.85 -3.68 10.64
N ALA E 40 18.72 -2.45 10.16
CA ALA E 40 19.16 -1.29 10.92
C ALA E 40 18.27 -1.19 12.15
N PRO E 41 18.78 -0.61 13.24
CA PRO E 41 18.07 -0.43 14.50
C PRO E 41 16.66 0.14 14.32
N GLY E 42 15.66 -0.62 14.72
CA GLY E 42 14.28 -0.17 14.59
C GLY E 42 13.76 -0.02 13.17
N LYS E 43 14.46 -0.61 12.20
CA LYS E 43 14.04 -0.54 10.80
C LYS E 43 13.65 -1.92 10.25
N GLY E 44 13.41 -1.98 8.95
CA GLY E 44 13.03 -3.23 8.31
C GLY E 44 14.20 -4.07 7.80
N LEU E 45 13.86 -5.08 7.01
CA LEU E 45 14.84 -6.01 6.46
C LEU E 45 15.32 -5.60 5.05
N GLU E 46 16.63 -5.73 4.82
CA GLU E 46 17.23 -5.36 3.54
C GLU E 46 18.24 -6.43 3.12
N TRP E 47 17.96 -7.11 2.01
CA TRP E 47 18.88 -8.12 1.50
C TRP E 47 20.15 -7.38 1.10
N VAL E 48 21.31 -8.03 1.20
CA VAL E 48 22.56 -7.35 0.90
C VAL E 48 23.52 -7.98 -0.10
N ALA E 49 23.69 -9.30 -0.05
CA ALA E 49 24.58 -9.97 -0.95
C ALA E 49 24.28 -11.46 -1.01
N VAL E 50 24.65 -12.11 -2.12
CA VAL E 50 24.41 -13.54 -2.27
C VAL E 50 25.50 -14.21 -3.08
N ILE E 51 25.78 -15.46 -2.75
CA ILE E 51 26.76 -16.26 -3.49
C ILE E 51 26.14 -17.64 -3.71
N SER E 52 26.14 -18.07 -4.96
CA SER E 52 25.58 -19.36 -5.33
C SER E 52 26.56 -20.48 -5.04
N GLY E 53 26.09 -21.71 -5.22
CA GLY E 53 26.97 -22.83 -5.01
C GLY E 53 28.05 -22.72 -6.08
N GLY E 54 27.67 -22.17 -7.23
CA GLY E 54 28.59 -22.01 -8.34
C GLY E 54 29.61 -20.89 -8.15
N GLY E 55 29.46 -20.14 -7.06
CA GLY E 55 30.40 -19.06 -6.79
C GLY E 55 30.03 -17.71 -7.39
N HIS E 56 28.83 -17.62 -7.97
CA HIS E 56 28.41 -16.36 -8.56
C HIS E 56 27.93 -15.42 -7.47
N THR E 57 28.26 -14.14 -7.62
CA THR E 57 27.88 -13.16 -6.62
C THR E 57 27.08 -11.98 -7.16
N TYR E 58 26.20 -11.46 -6.32
CA TYR E 58 25.34 -10.32 -6.67
C TYR E 58 25.21 -9.47 -5.40
N TYR E 59 25.12 -8.16 -5.59
CA TYR E 59 25.04 -7.22 -4.47
C TYR E 59 23.91 -6.22 -4.62
N LEU E 60 23.63 -5.54 -3.51
CA LEU E 60 22.63 -4.49 -3.47
C LEU E 60 23.42 -3.24 -3.85
N ASP E 61 22.83 -2.38 -4.67
CA ASP E 61 23.50 -1.16 -5.12
C ASP E 61 24.30 -0.45 -4.03
N SER E 62 23.65 -0.19 -2.90
CA SER E 62 24.27 0.50 -1.78
C SER E 62 25.56 -0.13 -1.22
N VAL E 63 25.84 -1.39 -1.53
CA VAL E 63 27.07 -1.99 -1.02
C VAL E 63 28.03 -2.51 -2.11
N GLU E 64 27.58 -2.55 -3.36
CA GLU E 64 28.45 -3.04 -4.42
C GLU E 64 29.67 -2.11 -4.52
N GLY E 65 30.86 -2.70 -4.50
CA GLY E 65 32.07 -1.90 -4.54
C GLY E 65 32.65 -1.73 -3.15
N ARG E 66 31.82 -1.91 -2.14
CA ARG E 66 32.24 -1.78 -0.75
C ARG E 66 32.32 -3.13 -0.02
N PHE E 67 31.30 -3.98 -0.19
CA PHE E 67 31.24 -5.30 0.46
C PHE E 67 31.59 -6.42 -0.51
N THR E 68 32.16 -7.50 0.02
CA THR E 68 32.49 -8.63 -0.82
C THR E 68 32.08 -9.91 -0.12
N ILE E 69 31.15 -10.65 -0.72
CA ILE E 69 30.70 -11.90 -0.14
C ILE E 69 31.51 -13.04 -0.74
N SER E 70 31.91 -13.98 0.11
CA SER E 70 32.70 -15.09 -0.35
C SER E 70 32.36 -16.30 0.49
N ARG E 71 32.86 -17.46 0.07
CA ARG E 71 32.59 -18.66 0.82
C ARG E 71 33.81 -19.58 0.79
N ASP E 72 33.88 -20.45 1.78
CA ASP E 72 34.96 -21.42 1.89
C ASP E 72 34.32 -22.75 2.28
N ASN E 73 33.98 -23.53 1.26
CA ASN E 73 33.31 -24.82 1.44
C ASN E 73 34.05 -25.85 2.27
N SER E 74 35.36 -25.72 2.42
CA SER E 74 36.11 -26.69 3.21
C SER E 74 35.90 -26.42 4.71
N LYS E 75 35.52 -25.20 5.04
CA LYS E 75 35.26 -24.81 6.41
C LYS E 75 33.78 -24.51 6.62
N ASN E 76 32.97 -24.79 5.60
CA ASN E 76 31.53 -24.51 5.67
C ASN E 76 31.28 -23.14 6.26
N THR E 77 32.04 -22.16 5.79
CA THR E 77 31.90 -20.81 6.29
C THR E 77 31.59 -19.79 5.20
N LEU E 78 30.78 -18.79 5.57
CA LEU E 78 30.40 -17.74 4.64
C LEU E 78 31.03 -16.44 5.15
N TYR E 79 31.40 -15.54 4.24
CA TYR E 79 32.02 -14.30 4.67
C TYR E 79 31.41 -13.07 4.03
N LEU E 80 31.57 -11.94 4.72
CA LEU E 80 31.13 -10.67 4.21
C LEU E 80 32.23 -9.71 4.61
N GLN E 81 33.04 -9.31 3.64
CA GLN E 81 34.12 -8.36 3.91
C GLN E 81 33.53 -6.96 3.70
N MET E 82 33.56 -6.13 4.72
CA MET E 82 32.97 -4.81 4.59
C MET E 82 34.00 -3.70 4.70
N ASN E 83 34.10 -2.88 3.65
CA ASN E 83 35.05 -1.78 3.64
C ASN E 83 34.35 -0.44 3.49
N SER E 84 35.06 0.64 3.81
CA SER E 84 34.52 1.99 3.71
C SER E 84 33.14 2.08 4.34
N LEU E 85 33.04 1.50 5.54
CA LEU E 85 31.82 1.50 6.31
C LEU E 85 31.28 2.89 6.58
N ARG E 86 29.96 3.03 6.53
CA ARG E 86 29.30 4.29 6.77
C ARG E 86 28.38 4.11 7.96
N ALA E 87 27.96 5.21 8.58
CA ALA E 87 27.09 5.11 9.73
C ALA E 87 25.83 4.32 9.37
N GLU E 88 25.37 4.46 8.12
CA GLU E 88 24.17 3.78 7.61
C GLU E 88 24.29 2.28 7.56
N ASP E 89 25.52 1.77 7.61
CA ASP E 89 25.73 0.34 7.56
C ASP E 89 25.48 -0.30 8.92
N THR E 90 25.19 0.52 9.91
CA THR E 90 24.93 0.04 11.27
C THR E 90 23.69 -0.85 11.26
N ALA E 91 23.83 -2.07 11.77
CA ALA E 91 22.70 -3.00 11.80
C ALA E 91 23.09 -4.39 12.27
N VAL E 92 22.08 -5.24 12.44
CA VAL E 92 22.31 -6.62 12.83
C VAL E 92 22.42 -7.30 11.47
N TYR E 93 23.47 -8.08 11.26
CA TYR E 93 23.66 -8.79 10.01
C TYR E 93 23.37 -10.27 10.19
N TYR E 94 22.46 -10.78 9.37
CA TYR E 94 22.08 -12.18 9.42
C TYR E 94 22.61 -12.92 8.22
N CYS E 95 23.08 -14.13 8.44
CA CYS E 95 23.54 -15.00 7.38
C CYS E 95 22.32 -15.86 7.13
N THR E 96 22.04 -16.18 5.87
CA THR E 96 20.87 -17.00 5.56
C THR E 96 21.12 -18.02 4.47
N ARG E 97 20.37 -19.12 4.54
CA ARG E 97 20.48 -20.16 3.53
C ARG E 97 19.34 -19.92 2.59
N GLY E 98 19.63 -19.99 1.30
CA GLY E 98 18.62 -19.74 0.30
C GLY E 98 18.00 -21.02 -0.24
N PHE E 99 16.81 -20.86 -0.79
CA PHE E 99 16.09 -21.97 -1.40
C PHE E 99 16.02 -21.63 -2.89
N GLY E 100 15.87 -22.63 -3.75
CA GLY E 100 15.80 -22.34 -5.17
C GLY E 100 16.96 -21.49 -5.67
N ASP E 101 16.68 -20.35 -6.28
CA ASP E 101 17.77 -19.51 -6.77
C ASP E 101 18.36 -18.66 -5.64
N GLY E 102 17.93 -18.95 -4.41
CA GLY E 102 18.44 -18.23 -3.25
C GLY E 102 17.57 -17.12 -2.67
N GLY E 103 16.53 -16.75 -3.40
CA GLY E 103 15.65 -15.67 -2.97
C GLY E 103 14.70 -15.90 -1.79
N TYR E 104 14.61 -17.13 -1.30
CA TYR E 104 13.77 -17.44 -0.15
C TYR E 104 14.73 -17.81 0.97
N PHE E 105 14.72 -17.02 2.03
CA PHE E 105 15.63 -17.22 3.15
C PHE E 105 15.13 -18.25 4.16
N ASP E 106 15.56 -19.47 3.87
CA ASP E 106 15.29 -20.74 4.53
C ASP E 106 15.71 -20.87 6.00
N VAL E 107 16.93 -20.44 6.30
CA VAL E 107 17.45 -20.52 7.66
C VAL E 107 18.18 -19.23 8.01
N TRP E 108 18.10 -18.83 9.28
CA TRP E 108 18.72 -17.61 9.76
C TRP E 108 19.50 -17.89 11.04
N GLY E 109 20.51 -17.07 11.30
CA GLY E 109 21.27 -17.22 12.53
C GLY E 109 20.67 -16.16 13.44
N GLN E 110 21.22 -15.97 14.64
CA GLN E 110 20.69 -14.96 15.55
C GLN E 110 21.19 -13.58 15.18
N GLY E 111 22.19 -13.53 14.29
CA GLY E 111 22.72 -12.26 13.85
C GLY E 111 23.86 -11.68 14.69
N THR E 112 24.65 -10.84 14.06
CA THR E 112 25.77 -10.20 14.73
C THR E 112 25.60 -8.68 14.58
N LEU E 113 25.87 -7.96 15.66
CA LEU E 113 25.69 -6.52 15.73
C LEU E 113 26.85 -5.70 15.22
N VAL E 114 26.65 -5.02 14.10
CA VAL E 114 27.69 -4.15 13.54
C VAL E 114 27.29 -2.71 13.85
N THR E 115 28.14 -2.00 14.60
CA THR E 115 27.87 -0.61 14.95
C THR E 115 28.96 0.22 14.29
N VAL E 116 28.55 1.18 13.45
CA VAL E 116 29.52 2.04 12.76
C VAL E 116 29.37 3.45 13.29
N SER E 117 30.36 3.89 14.07
CA SER E 117 30.29 5.20 14.69
C SER E 117 31.65 5.74 15.15
N SER E 118 31.71 7.03 15.43
CA SER E 118 32.94 7.65 15.91
C SER E 118 32.95 7.70 17.43
N ALA E 119 31.78 7.56 18.04
CA ALA E 119 31.67 7.60 19.49
C ALA E 119 32.64 6.62 20.15
N LYS E 120 33.17 7.01 21.31
CA LYS E 120 34.13 6.18 22.04
C LYS E 120 33.48 5.20 23.01
N THR E 121 34.05 3.99 23.10
CA THR E 121 33.54 2.97 24.01
C THR E 121 33.49 3.55 25.42
N THR E 122 32.32 3.55 26.03
CA THR E 122 32.15 4.12 27.36
C THR E 122 31.36 3.20 28.27
N PRO E 123 31.84 3.02 29.50
CA PRO E 123 31.19 2.17 30.50
C PRO E 123 29.93 2.80 31.06
N PRO E 124 28.99 1.97 31.52
CA PRO E 124 27.77 2.54 32.09
C PRO E 124 27.99 2.95 33.53
N SER E 125 27.17 3.88 34.00
CA SER E 125 27.18 4.32 35.38
C SER E 125 25.85 3.75 35.86
N VAL E 126 25.90 2.90 36.88
CA VAL E 126 24.68 2.29 37.36
C VAL E 126 24.22 2.92 38.67
N TYR E 127 23.01 3.47 38.67
CA TYR E 127 22.45 4.13 39.83
C TYR E 127 21.22 3.38 40.34
N PRO E 128 21.16 3.15 41.66
CA PRO E 128 20.05 2.44 42.28
C PRO E 128 18.83 3.36 42.33
N LEU E 129 17.64 2.77 42.27
CA LEU E 129 16.40 3.53 42.32
C LEU E 129 15.46 3.03 43.40
N ALA E 130 15.40 3.76 44.52
CA ALA E 130 14.53 3.41 45.64
C ALA E 130 13.56 4.56 45.90
N PRO E 131 12.39 4.26 46.48
CA PRO E 131 11.37 5.28 46.79
C PRO E 131 11.71 6.10 48.02
N SER E 139 1.31 -2.24 49.29
CA SER E 139 1.16 -3.67 49.06
C SER E 139 2.29 -4.21 48.19
N MET E 140 2.58 -3.47 47.13
CA MET E 140 3.63 -3.82 46.19
C MET E 140 4.56 -2.61 46.05
N VAL E 141 5.86 -2.88 45.97
CA VAL E 141 6.84 -1.81 45.82
C VAL E 141 7.63 -2.00 44.54
N THR E 142 7.99 -0.88 43.92
CA THR E 142 8.76 -0.94 42.70
C THR E 142 10.14 -0.35 42.89
N LEU E 143 11.14 -1.13 42.50
CA LEU E 143 12.54 -0.73 42.58
C LEU E 143 13.05 -0.67 41.15
N GLY E 144 14.23 -0.08 40.96
CA GLY E 144 14.81 -0.02 39.64
C GLY E 144 16.24 0.44 39.70
N CYS E 145 16.88 0.55 38.54
CA CYS E 145 18.24 1.02 38.47
C CYS E 145 18.45 1.63 37.11
N LEU E 146 19.09 2.79 37.10
CA LEU E 146 19.39 3.55 35.90
C LEU E 146 20.78 3.19 35.38
N VAL E 147 20.83 2.68 34.15
CA VAL E 147 22.08 2.30 33.47
C VAL E 147 22.35 3.42 32.44
N LYS E 148 23.16 4.39 32.84
CA LYS E 148 23.41 5.58 32.02
C LYS E 148 24.78 5.80 31.37
N GLY E 149 24.75 6.41 30.20
CA GLY E 149 25.95 6.78 29.46
C GLY E 149 26.94 5.74 28.97
N TYR E 150 26.46 4.62 28.45
CA TYR E 150 27.39 3.60 27.95
C TYR E 150 27.37 3.56 26.44
N PHE E 151 28.40 2.94 25.86
CA PHE E 151 28.53 2.78 24.42
C PHE E 151 29.63 1.76 24.13
N PRO E 152 29.37 0.82 23.21
CA PRO E 152 28.14 0.64 22.42
C PRO E 152 27.25 -0.40 23.09
N GLU E 153 26.25 -0.90 22.37
CA GLU E 153 25.38 -1.94 22.89
C GLU E 153 26.22 -3.20 22.71
N PRO E 154 25.90 -4.29 23.41
CA PRO E 154 24.82 -4.47 24.37
C PRO E 154 25.28 -4.32 25.82
N VAL E 155 24.32 -4.46 26.72
CA VAL E 155 24.53 -4.36 28.14
C VAL E 155 23.59 -5.44 28.68
N THR E 156 24.01 -6.22 29.69
CA THR E 156 23.11 -7.25 30.22
C THR E 156 22.57 -6.77 31.57
N VAL E 157 21.30 -7.06 31.83
CA VAL E 157 20.66 -6.66 33.07
C VAL E 157 19.79 -7.77 33.66
N THR E 158 20.07 -8.14 34.90
CA THR E 158 19.27 -9.16 35.58
C THR E 158 19.06 -8.70 37.02
N TRP E 159 18.16 -9.38 37.73
CA TRP E 159 17.91 -9.05 39.13
C TRP E 159 18.19 -10.28 39.97
N ASN E 160 18.88 -10.10 41.09
CA ASN E 160 19.23 -11.21 41.97
C ASN E 160 19.84 -12.37 41.18
N SER E 161 20.68 -12.02 40.21
CA SER E 161 21.39 -12.99 39.39
C SER E 161 20.48 -13.85 38.52
N GLY E 162 19.27 -13.37 38.26
CA GLY E 162 18.37 -14.13 37.42
C GLY E 162 17.25 -14.86 38.13
N SER E 163 17.33 -14.95 39.45
CA SER E 163 16.30 -15.63 40.23
C SER E 163 15.07 -14.72 40.39
N LEU E 164 15.23 -13.44 40.05
CA LEU E 164 14.11 -12.50 40.13
C LEU E 164 13.75 -12.10 38.70
N SER E 165 12.95 -12.92 38.04
CA SER E 165 12.55 -12.66 36.67
C SER E 165 11.13 -12.15 36.54
N SER E 166 10.29 -12.45 37.52
CA SER E 166 8.90 -11.99 37.48
C SER E 166 8.79 -10.53 37.90
N GLY E 167 7.90 -9.79 37.26
CA GLY E 167 7.70 -8.40 37.59
C GLY E 167 8.84 -7.47 37.21
N VAL E 168 9.59 -7.86 36.19
CA VAL E 168 10.71 -7.07 35.71
C VAL E 168 10.41 -6.39 34.38
N HIS E 169 10.82 -5.13 34.26
CA HIS E 169 10.64 -4.39 33.02
C HIS E 169 11.94 -3.69 32.67
N THR E 170 12.66 -4.26 31.70
CA THR E 170 13.91 -3.69 31.24
C THR E 170 13.60 -2.98 29.93
N PHE E 171 13.61 -1.66 29.95
CA PHE E 171 13.28 -0.88 28.77
C PHE E 171 14.39 -0.75 27.75
N PRO E 172 14.03 -0.67 26.46
CA PRO E 172 15.02 -0.55 25.40
C PRO E 172 15.80 0.75 25.57
N ALA E 173 17.11 0.67 25.34
CA ALA E 173 17.99 1.82 25.50
C ALA E 173 17.66 2.96 24.55
N VAL E 174 17.87 4.17 25.04
CA VAL E 174 17.63 5.38 24.27
C VAL E 174 19.01 5.98 24.01
N LEU E 175 19.29 6.31 22.76
CA LEU E 175 20.58 6.89 22.42
C LEU E 175 20.50 8.40 22.33
N GLN E 176 21.28 9.08 23.14
CA GLN E 176 21.32 10.54 23.11
C GLN E 176 22.75 11.03 23.22
N SER E 177 23.15 11.88 22.27
CA SER E 177 24.49 12.44 22.25
C SER E 177 25.59 11.36 22.28
N ASP E 178 25.38 10.30 21.51
CA ASP E 178 26.34 9.20 21.40
C ASP E 178 26.56 8.37 22.68
N LEU E 179 25.51 8.29 23.50
CA LEU E 179 25.56 7.51 24.73
C LEU E 179 24.21 6.85 24.92
N TYR E 180 24.22 5.58 25.30
CA TYR E 180 22.96 4.90 25.54
C TYR E 180 22.58 5.05 27.01
N THR E 181 21.30 4.83 27.27
CA THR E 181 20.78 4.91 28.61
C THR E 181 19.56 4.02 28.65
N LEU E 182 19.50 3.14 29.64
CA LEU E 182 18.32 2.28 29.77
C LEU E 182 18.02 2.18 31.24
N SER E 183 16.83 1.66 31.55
CA SER E 183 16.46 1.51 32.94
C SER E 183 15.72 0.21 33.06
N SER E 184 15.71 -0.34 34.26
CA SER E 184 15.03 -1.59 34.52
C SER E 184 14.27 -1.41 35.81
N SER E 185 13.07 -1.96 35.87
CA SER E 185 12.27 -1.86 37.08
C SER E 185 11.90 -3.26 37.50
N VAL E 186 11.62 -3.41 38.79
CA VAL E 186 11.20 -4.70 39.30
C VAL E 186 10.21 -4.42 40.43
N THR E 187 9.14 -5.20 40.45
CA THR E 187 8.12 -5.02 41.45
C THR E 187 7.97 -6.26 42.30
N VAL E 188 8.13 -6.09 43.60
CA VAL E 188 8.01 -7.21 44.53
C VAL E 188 7.08 -6.80 45.68
N PRO E 189 6.52 -7.78 46.39
CA PRO E 189 5.63 -7.46 47.51
C PRO E 189 6.38 -6.68 48.59
N SER E 190 5.75 -5.63 49.11
CA SER E 190 6.36 -4.78 50.13
C SER E 190 6.84 -5.60 51.32
N SER E 191 6.10 -6.65 51.64
CA SER E 191 6.48 -7.53 52.75
C SER E 191 7.85 -8.16 52.47
N THR E 192 8.25 -8.12 51.20
CA THR E 192 9.52 -8.69 50.74
C THR E 192 10.75 -7.79 50.79
N TRP E 193 10.56 -6.48 50.59
CA TRP E 193 11.69 -5.54 50.61
C TRP E 193 11.40 -4.47 51.66
N PRO E 194 12.43 -3.97 52.35
CA PRO E 194 13.85 -4.32 52.23
C PRO E 194 14.29 -5.51 53.07
N SER E 195 13.35 -6.27 53.61
CA SER E 195 13.68 -7.44 54.44
C SER E 195 14.51 -8.45 53.63
N GLU E 196 14.19 -8.60 52.34
CA GLU E 196 14.91 -9.51 51.47
C GLU E 196 15.73 -8.69 50.46
N THR E 197 16.93 -9.17 50.13
CA THR E 197 17.83 -8.48 49.21
C THR E 197 17.41 -8.35 47.74
N VAL E 198 17.49 -7.13 47.23
CA VAL E 198 17.17 -6.85 45.83
C VAL E 198 18.31 -6.05 45.20
N THR E 199 18.97 -6.65 44.22
CA THR E 199 20.07 -5.96 43.55
C THR E 199 20.03 -6.24 42.06
N CYS E 200 20.42 -5.25 41.25
CA CYS E 200 20.46 -5.45 39.81
C CYS E 200 21.89 -5.77 39.37
N ASN E 201 22.03 -6.73 38.48
CA ASN E 201 23.34 -7.13 37.98
C ASN E 201 23.49 -6.59 36.58
N VAL E 202 24.44 -5.70 36.38
CA VAL E 202 24.64 -5.14 35.07
C VAL E 202 26.05 -5.42 34.58
N ALA E 203 26.18 -5.69 33.28
CA ALA E 203 27.48 -5.97 32.70
C ALA E 203 27.55 -5.30 31.35
N HIS E 204 28.69 -4.67 31.07
CA HIS E 204 28.90 -4.02 29.79
C HIS E 204 30.16 -4.67 29.27
N PRO E 205 30.01 -5.73 28.49
CA PRO E 205 31.17 -6.44 27.95
C PRO E 205 32.22 -5.64 27.18
N ALA E 206 31.80 -4.67 26.37
CA ALA E 206 32.76 -3.89 25.59
C ALA E 206 33.76 -3.11 26.45
N SER E 207 33.39 -2.79 27.69
CA SER E 207 34.29 -2.06 28.57
C SER E 207 34.72 -2.99 29.67
N SER E 208 34.29 -4.24 29.58
CA SER E 208 34.62 -5.26 30.56
C SER E 208 34.23 -4.76 31.94
N THR E 209 33.01 -4.27 32.06
CA THR E 209 32.50 -3.74 33.32
C THR E 209 31.44 -4.69 33.89
N LYS E 210 31.42 -4.86 35.21
CA LYS E 210 30.44 -5.71 35.90
C LYS E 210 30.09 -5.06 37.23
N VAL E 211 28.80 -4.85 37.48
CA VAL E 211 28.41 -4.27 38.74
C VAL E 211 27.12 -4.85 39.31
N ASP E 212 27.16 -5.15 40.61
CA ASP E 212 25.99 -5.67 41.32
C ASP E 212 25.57 -4.51 42.20
N LYS E 213 24.49 -3.85 41.82
CA LYS E 213 24.02 -2.71 42.60
C LYS E 213 22.85 -3.06 43.49
N LYS E 214 23.10 -3.10 44.80
CA LYS E 214 22.06 -3.41 45.77
C LYS E 214 21.13 -2.21 45.92
N ILE E 215 19.83 -2.45 45.94
CA ILE E 215 18.88 -1.36 46.11
C ILE E 215 18.65 -1.17 47.61
N VAL E 216 19.06 -0.02 48.12
CA VAL E 216 18.93 0.29 49.53
C VAL E 216 17.92 1.39 49.81
N PRO E 217 16.97 1.15 50.72
CA PRO E 217 15.97 2.20 51.03
C PRO E 217 16.63 3.50 51.45
N GLN F 1 12.99 -3.73 -10.93
CA GLN F 1 12.84 -3.73 -9.46
C GLN F 1 11.37 -3.88 -9.06
N ILE F 2 11.13 -4.47 -7.90
CA ILE F 2 9.77 -4.66 -7.42
C ILE F 2 9.64 -4.20 -5.97
N GLN F 3 8.68 -3.32 -5.71
CA GLN F 3 8.48 -2.82 -4.36
C GLN F 3 7.23 -3.44 -3.73
N LEU F 4 7.37 -3.84 -2.47
CA LEU F 4 6.29 -4.47 -1.73
C LEU F 4 5.71 -3.54 -0.69
N THR F 5 4.40 -3.33 -0.74
CA THR F 5 3.75 -2.45 0.22
C THR F 5 2.70 -3.25 1.00
N GLN F 6 2.88 -3.29 2.31
CA GLN F 6 1.98 -4.00 3.22
C GLN F 6 0.89 -3.12 3.76
N SER F 7 -0.28 -3.70 3.94
CA SER F 7 -1.43 -2.98 4.46
C SER F 7 -2.21 -3.96 5.32
N PRO F 8 -2.51 -3.57 6.58
CA PRO F 8 -2.13 -2.28 7.16
C PRO F 8 -0.71 -2.37 7.72
N SER F 9 -0.17 -1.24 8.19
CA SER F 9 1.18 -1.23 8.76
C SER F 9 1.15 -1.76 10.18
N SER F 10 0.02 -1.56 10.85
CA SER F 10 -0.14 -2.05 12.22
C SER F 10 -1.62 -2.28 12.44
N LEU F 11 -1.93 -3.31 13.22
CA LEU F 11 -3.32 -3.63 13.51
C LEU F 11 -3.46 -4.23 14.89
N SER F 12 -4.63 -4.00 15.47
CA SER F 12 -4.94 -4.53 16.80
C SER F 12 -6.21 -5.36 16.68
N ALA F 13 -6.21 -6.55 17.25
CA ALA F 13 -7.36 -7.43 17.18
C ALA F 13 -7.48 -8.33 18.42
N SER F 14 -8.67 -8.88 18.60
CA SER F 14 -8.96 -9.74 19.75
C SER F 14 -8.66 -11.19 19.44
N VAL F 15 -8.34 -11.98 20.46
CA VAL F 15 -8.05 -13.39 20.24
C VAL F 15 -9.32 -14.02 19.67
N GLY F 16 -9.14 -14.88 18.67
CA GLY F 16 -10.27 -15.52 18.03
C GLY F 16 -10.61 -14.79 16.75
N ASP F 17 -10.21 -13.52 16.65
CA ASP F 17 -10.50 -12.75 15.44
C ASP F 17 -9.75 -13.34 14.25
N ARG F 18 -10.29 -13.11 13.08
CA ARG F 18 -9.66 -13.56 11.85
C ARG F 18 -8.96 -12.30 11.36
N VAL F 19 -7.65 -12.41 11.13
CA VAL F 19 -6.87 -11.27 10.67
C VAL F 19 -6.28 -11.52 9.29
N THR F 20 -6.29 -10.50 8.45
CA THR F 20 -5.77 -10.60 7.10
C THR F 20 -4.82 -9.47 6.75
N ILE F 21 -3.58 -9.82 6.45
CA ILE F 21 -2.53 -8.85 6.08
C ILE F 21 -2.33 -8.93 4.58
N THR F 22 -2.32 -7.79 3.91
CA THR F 22 -2.16 -7.78 2.47
C THR F 22 -0.80 -7.24 2.02
N CYS F 23 -0.29 -7.82 0.93
CA CYS F 23 1.00 -7.41 0.38
C CYS F 23 0.85 -7.18 -1.11
N SER F 24 0.82 -5.92 -1.53
CA SER F 24 0.70 -5.63 -2.95
C SER F 24 2.04 -5.27 -3.57
N ALA F 25 2.34 -5.89 -4.70
CA ALA F 25 3.58 -5.66 -5.42
C ALA F 25 3.42 -4.55 -6.47
N SER F 26 4.50 -3.84 -6.77
CA SER F 26 4.45 -2.77 -7.76
C SER F 26 4.27 -3.38 -9.15
N SER F 27 4.54 -4.67 -9.27
CA SER F 27 4.35 -5.40 -10.53
C SER F 27 4.29 -6.89 -10.20
N GLN F 28 3.62 -7.64 -11.04
CA GLN F 28 3.42 -9.06 -10.85
C GLN F 28 4.61 -9.95 -10.48
N VAL F 29 4.33 -10.90 -9.59
CA VAL F 29 5.30 -11.91 -9.13
C VAL F 29 4.43 -13.14 -8.97
N ASN F 30 4.95 -14.33 -9.25
CA ASN F 30 4.09 -15.51 -9.14
C ASN F 30 4.18 -16.26 -7.83
N HIS F 31 4.88 -15.68 -6.86
CA HIS F 31 5.02 -16.29 -5.54
C HIS F 31 5.41 -15.24 -4.52
N MET F 32 5.01 -15.47 -3.28
CA MET F 32 5.34 -14.55 -2.21
C MET F 32 5.80 -15.36 -1.02
N PHE F 33 6.54 -14.71 -0.14
CA PHE F 33 7.05 -15.36 1.06
C PHE F 33 6.79 -14.47 2.24
N TRP F 34 6.68 -15.08 3.42
CA TRP F 34 6.45 -14.33 4.65
C TRP F 34 7.34 -14.78 5.78
N TYR F 35 7.61 -13.85 6.70
CA TYR F 35 8.44 -14.13 7.86
C TYR F 35 7.80 -13.49 9.07
N GLN F 36 7.97 -14.12 10.23
CA GLN F 36 7.44 -13.56 11.47
C GLN F 36 8.63 -13.13 12.33
N GLN F 37 8.64 -11.89 12.80
CA GLN F 37 9.73 -11.41 13.64
C GLN F 37 9.23 -10.82 14.96
N LYS F 38 9.81 -11.28 16.05
CA LYS F 38 9.42 -10.80 17.36
C LYS F 38 10.51 -9.89 17.92
N PRO F 39 10.13 -8.97 18.80
CA PRO F 39 11.05 -8.03 19.43
C PRO F 39 12.37 -8.65 19.86
N GLY F 40 13.46 -8.15 19.30
CA GLY F 40 14.79 -8.62 19.67
C GLY F 40 15.24 -9.96 19.11
N LYS F 41 14.46 -10.58 18.25
CA LYS F 41 14.85 -11.86 17.69
C LYS F 41 14.98 -11.82 16.17
N ALA F 42 15.60 -12.86 15.63
CA ALA F 42 15.79 -12.97 14.20
C ALA F 42 14.45 -13.35 13.56
N PRO F 43 14.27 -13.00 12.28
CA PRO F 43 13.06 -13.31 11.52
C PRO F 43 12.95 -14.83 11.44
N LYS F 44 11.74 -15.35 11.27
CA LYS F 44 11.57 -16.79 11.15
C LYS F 44 10.80 -17.12 9.88
N PRO F 45 11.28 -18.11 9.13
CA PRO F 45 10.56 -18.48 7.89
C PRO F 45 9.14 -18.83 8.34
N TRP F 46 8.14 -18.19 7.74
CA TRP F 46 6.77 -18.45 8.15
C TRP F 46 5.91 -19.08 7.05
N ILE F 47 5.87 -18.44 5.87
CA ILE F 47 5.12 -18.99 4.75
C ILE F 47 5.98 -18.85 3.49
N TYR F 48 6.06 -19.92 2.70
CA TYR F 48 6.86 -19.92 1.48
C TYR F 48 6.10 -20.44 0.27
N LEU F 49 6.50 -20.00 -0.92
CA LEU F 49 5.84 -20.38 -2.15
C LEU F 49 4.35 -20.13 -2.00
N THR F 50 4.02 -18.91 -1.56
CA THR F 50 2.66 -18.42 -1.40
C THR F 50 1.76 -18.95 -0.29
N SER F 51 1.70 -20.28 -0.14
CA SER F 51 0.80 -20.86 0.84
C SER F 51 1.33 -22.02 1.67
N TYR F 52 2.59 -22.39 1.51
CA TYR F 52 3.14 -23.47 2.31
C TYR F 52 3.60 -22.94 3.67
N LEU F 53 3.24 -23.64 4.74
CA LEU F 53 3.64 -23.22 6.08
C LEU F 53 4.98 -23.88 6.40
N ALA F 54 5.90 -23.12 6.99
CA ALA F 54 7.19 -23.65 7.37
C ALA F 54 6.99 -24.56 8.58
N SER F 55 7.94 -25.48 8.82
CA SER F 55 7.80 -26.41 9.94
C SER F 55 7.68 -25.73 11.30
N GLY F 56 6.68 -26.12 12.07
CA GLY F 56 6.50 -25.55 13.38
C GLY F 56 5.48 -24.43 13.40
N VAL F 57 5.08 -23.97 12.22
CA VAL F 57 4.09 -22.89 12.12
C VAL F 57 2.70 -23.50 12.36
N PRO F 58 1.99 -23.01 13.38
CA PRO F 58 0.65 -23.53 13.67
C PRO F 58 -0.32 -23.43 12.51
N SER F 59 -1.25 -24.38 12.44
CA SER F 59 -2.22 -24.44 11.36
C SER F 59 -3.17 -23.23 11.25
N ARG F 60 -3.28 -22.42 12.30
CA ARG F 60 -4.16 -21.26 12.20
C ARG F 60 -3.69 -20.28 11.14
N PHE F 61 -2.43 -20.43 10.71
CA PHE F 61 -1.88 -19.57 9.67
C PHE F 61 -2.08 -20.16 8.28
N SER F 62 -2.25 -19.28 7.29
CA SER F 62 -2.43 -19.71 5.92
C SER F 62 -2.02 -18.56 5.01
N GLY F 63 -1.76 -18.85 3.75
CA GLY F 63 -1.35 -17.80 2.82
C GLY F 63 -1.93 -18.00 1.44
N SER F 64 -2.28 -16.89 0.78
CA SER F 64 -2.85 -16.95 -0.56
C SER F 64 -2.48 -15.74 -1.41
N GLY F 65 -2.84 -15.77 -2.69
CA GLY F 65 -2.55 -14.65 -3.55
C GLY F 65 -2.08 -15.04 -4.93
N SER F 66 -1.94 -14.03 -5.79
CA SER F 66 -1.47 -14.24 -7.16
C SER F 66 -1.28 -12.85 -7.76
N GLY F 67 -0.48 -12.76 -8.82
CA GLY F 67 -0.26 -11.47 -9.45
C GLY F 67 0.41 -10.42 -8.58
N THR F 68 -0.37 -9.44 -8.12
CA THR F 68 0.19 -8.38 -7.31
C THR F 68 -0.39 -8.31 -5.91
N ASP F 69 -1.41 -9.11 -5.63
CA ASP F 69 -2.04 -9.11 -4.31
C ASP F 69 -1.87 -10.45 -3.60
N TYR F 70 -1.05 -10.44 -2.56
CA TYR F 70 -0.83 -11.64 -1.78
C TYR F 70 -1.28 -11.36 -0.37
N THR F 71 -1.73 -12.39 0.33
CA THR F 71 -2.21 -12.24 1.68
C THR F 71 -1.74 -13.33 2.65
N LEU F 72 -1.65 -12.95 3.92
CA LEU F 72 -1.31 -13.88 4.99
C LEU F 72 -2.56 -13.80 5.86
N THR F 73 -3.04 -14.94 6.32
CA THR F 73 -4.24 -14.97 7.14
C THR F 73 -4.13 -15.81 8.41
N ILE F 74 -4.59 -15.25 9.52
CA ILE F 74 -4.59 -15.97 10.79
C ILE F 74 -6.07 -16.24 11.08
N SER F 75 -6.47 -17.51 11.02
CA SER F 75 -7.88 -17.85 11.25
C SER F 75 -8.36 -17.45 12.64
N SER F 76 -7.59 -17.82 13.66
CA SER F 76 -7.96 -17.49 15.04
C SER F 76 -6.78 -16.87 15.78
N LEU F 77 -6.76 -15.54 15.83
CA LEU F 77 -5.68 -14.81 16.49
C LEU F 77 -5.41 -15.30 17.92
N GLN F 78 -4.15 -15.64 18.20
CA GLN F 78 -3.75 -16.06 19.53
C GLN F 78 -2.82 -15.01 20.11
N PRO F 79 -2.81 -14.87 21.44
CA PRO F 79 -1.94 -13.87 22.08
C PRO F 79 -0.47 -13.91 21.71
N GLU F 80 0.06 -15.11 21.48
CA GLU F 80 1.46 -15.27 21.13
C GLU F 80 1.71 -14.91 19.66
N ASP F 81 0.66 -14.54 18.92
CA ASP F 81 0.85 -14.18 17.51
C ASP F 81 1.30 -12.72 17.29
N PHE F 82 1.39 -11.93 18.37
CA PHE F 82 1.83 -10.55 18.19
C PHE F 82 3.26 -10.59 17.65
N ALA F 83 3.53 -9.77 16.64
CA ALA F 83 4.84 -9.71 16.00
C ALA F 83 4.71 -8.85 14.77
N THR F 84 5.83 -8.66 14.08
CA THR F 84 5.84 -7.91 12.85
C THR F 84 5.99 -8.97 11.78
N TYR F 85 5.08 -8.97 10.79
CA TYR F 85 5.13 -9.93 9.69
C TYR F 85 5.59 -9.25 8.41
N TYR F 86 6.56 -9.85 7.74
CA TYR F 86 7.11 -9.29 6.51
C TYR F 86 6.86 -10.17 5.28
N CYS F 87 6.37 -9.58 4.21
CA CYS F 87 6.22 -10.36 2.99
C CYS F 87 7.56 -10.13 2.26
N GLN F 88 7.84 -10.94 1.26
CA GLN F 88 9.10 -10.81 0.55
C GLN F 88 8.98 -11.49 -0.80
N GLN F 89 9.59 -10.89 -1.82
CA GLN F 89 9.54 -11.42 -3.17
C GLN F 89 10.94 -11.74 -3.68
N TRP F 90 11.04 -12.75 -4.54
CA TRP F 90 12.31 -13.17 -5.10
C TRP F 90 12.32 -13.09 -6.63
N SER F 91 11.29 -12.47 -7.20
CA SER F 91 11.17 -12.38 -8.65
C SER F 91 11.87 -11.16 -9.25
N GLY F 92 12.23 -10.21 -8.41
CA GLY F 92 12.90 -9.04 -8.90
C GLY F 92 14.15 -8.67 -8.09
N ASN F 93 15.14 -8.12 -8.78
CA ASN F 93 16.38 -7.73 -8.13
C ASN F 93 16.37 -6.22 -7.92
N PRO F 94 16.79 -5.77 -6.72
CA PRO F 94 17.26 -6.64 -5.64
C PRO F 94 16.07 -7.26 -4.91
N TRP F 95 16.27 -8.44 -4.34
CA TRP F 95 15.19 -9.07 -3.58
C TRP F 95 14.80 -8.08 -2.49
N THR F 96 13.50 -7.97 -2.20
CA THR F 96 13.06 -7.03 -1.19
C THR F 96 11.95 -7.54 -0.27
N PHE F 97 11.84 -6.90 0.88
CA PHE F 97 10.84 -7.23 1.87
C PHE F 97 9.81 -6.10 1.89
N GLY F 98 8.63 -6.36 2.45
CA GLY F 98 7.65 -5.30 2.59
C GLY F 98 8.14 -4.56 3.84
N GLN F 99 7.54 -3.42 4.19
CA GLN F 99 7.99 -2.69 5.38
C GLN F 99 7.52 -3.36 6.65
N GLY F 100 6.70 -4.39 6.50
CA GLY F 100 6.21 -5.11 7.67
C GLY F 100 4.88 -4.64 8.22
N THR F 101 4.20 -5.57 8.87
CA THR F 101 2.90 -5.30 9.51
C THR F 101 3.01 -5.71 10.96
N LYS F 102 2.91 -4.74 11.86
CA LYS F 102 3.01 -5.02 13.29
C LYS F 102 1.63 -5.36 13.85
N VAL F 103 1.43 -6.60 14.30
CA VAL F 103 0.14 -6.93 14.87
C VAL F 103 0.20 -7.01 16.38
N GLU F 104 -0.83 -6.46 17.02
CA GLU F 104 -0.94 -6.45 18.47
C GLU F 104 -2.23 -7.16 18.89
N ILE F 105 -2.26 -7.69 20.10
CA ILE F 105 -3.44 -8.39 20.61
C ILE F 105 -4.17 -7.55 21.64
N LYS F 106 -5.49 -7.50 21.49
CA LYS F 106 -6.32 -6.72 22.39
C LYS F 106 -6.45 -7.41 23.75
N ARG F 107 -6.80 -6.63 24.76
CA ARG F 107 -7.02 -7.13 26.12
C ARG F 107 -7.76 -6.07 26.92
N ALA F 108 -8.21 -6.43 28.12
CA ALA F 108 -8.94 -5.48 28.95
C ALA F 108 -8.08 -4.26 29.27
N ASP F 109 -8.70 -3.10 29.36
CA ASP F 109 -7.97 -1.88 29.69
C ASP F 109 -7.39 -2.03 31.10
N ALA F 110 -6.21 -1.46 31.32
CA ALA F 110 -5.56 -1.55 32.63
C ALA F 110 -4.77 -0.30 32.90
N ALA F 111 -5.04 0.34 34.05
CA ALA F 111 -4.35 1.54 34.44
C ALA F 111 -2.89 1.28 34.78
N PRO F 112 -2.00 2.19 34.40
CA PRO F 112 -0.57 2.05 34.67
C PRO F 112 -0.25 2.24 36.15
N THR F 113 0.78 1.54 36.60
CA THR F 113 1.23 1.65 37.98
C THR F 113 2.39 2.63 37.90
N VAL F 114 2.19 3.86 38.36
CA VAL F 114 3.26 4.85 38.28
C VAL F 114 4.09 5.00 39.56
N SER F 115 5.40 4.84 39.40
CA SER F 115 6.34 4.97 40.51
C SER F 115 7.33 6.05 40.15
N ILE F 116 7.54 7.02 41.04
CA ILE F 116 8.50 8.08 40.76
C ILE F 116 9.72 7.89 41.63
N PHE F 117 10.89 8.21 41.10
CA PHE F 117 12.14 8.04 41.84
C PHE F 117 13.07 9.24 41.80
N PRO F 118 13.52 9.69 42.99
CA PRO F 118 14.43 10.82 43.19
C PRO F 118 15.83 10.41 42.72
N PRO F 119 16.65 11.38 42.29
CA PRO F 119 18.01 11.09 41.84
C PRO F 119 18.81 10.36 42.91
N SER F 120 19.56 9.35 42.50
CA SER F 120 20.39 8.61 43.44
C SER F 120 21.45 9.58 43.94
N SER F 121 21.80 9.50 45.21
CA SER F 121 22.81 10.39 45.77
C SER F 121 24.14 10.06 45.09
N GLU F 122 24.26 8.84 44.59
CA GLU F 122 25.47 8.37 43.92
C GLU F 122 25.66 9.04 42.55
N GLN F 123 24.57 9.51 41.95
CA GLN F 123 24.66 10.19 40.67
C GLN F 123 24.98 11.67 40.88
N LEU F 124 24.32 12.28 41.85
CA LEU F 124 24.50 13.69 42.18
C LEU F 124 25.96 14.09 42.38
N THR F 125 26.70 13.25 43.09
CA THR F 125 28.11 13.52 43.36
C THR F 125 28.90 13.77 42.10
N SER F 126 28.31 13.48 40.95
CA SER F 126 29.00 13.70 39.69
C SER F 126 28.52 14.94 38.96
N GLY F 127 27.51 15.61 39.52
CA GLY F 127 27.01 16.83 38.92
C GLY F 127 25.75 16.69 38.08
N GLY F 128 25.19 15.48 38.03
CA GLY F 128 23.98 15.25 37.26
C GLY F 128 22.85 14.70 38.10
N ALA F 129 21.62 14.88 37.66
CA ALA F 129 20.48 14.39 38.42
C ALA F 129 19.35 13.88 37.53
N SER F 130 19.07 12.59 37.62
CA SER F 130 17.99 12.01 36.82
C SER F 130 16.83 11.56 37.69
N VAL F 131 15.65 12.07 37.37
CA VAL F 131 14.46 11.67 38.11
C VAL F 131 13.80 10.67 37.17
N VAL F 132 13.45 9.49 37.69
CA VAL F 132 12.84 8.45 36.88
C VAL F 132 11.43 8.13 37.29
N CYS F 133 10.58 7.87 36.30
CA CYS F 133 9.20 7.51 36.54
C CYS F 133 8.83 6.30 35.69
N PHE F 134 8.25 5.28 36.32
CA PHE F 134 7.85 4.07 35.60
C PHE F 134 6.34 3.96 35.48
N LEU F 135 5.85 3.66 34.27
CA LEU F 135 4.42 3.48 34.05
C LEU F 135 4.28 2.06 33.56
N ASN F 136 3.98 1.15 34.49
CA ASN F 136 3.91 -0.26 34.15
C ASN F 136 2.55 -0.91 33.95
N ASN F 137 2.57 -1.92 33.09
CA ASN F 137 1.40 -2.73 32.75
C ASN F 137 0.09 -2.02 32.53
N PHE F 138 0.03 -1.20 31.48
CA PHE F 138 -1.19 -0.51 31.14
C PHE F 138 -1.62 -0.93 29.73
N TYR F 139 -2.86 -0.61 29.36
CA TYR F 139 -3.41 -0.92 28.04
C TYR F 139 -4.67 -0.08 27.86
N PRO F 140 -4.86 0.51 26.66
CA PRO F 140 -4.03 0.49 25.45
C PRO F 140 -2.65 1.06 25.65
N LYS F 141 -1.85 1.05 24.58
CA LYS F 141 -0.49 1.56 24.63
C LYS F 141 -0.42 3.08 24.58
N ASP F 142 -1.44 3.69 24.00
CA ASP F 142 -1.50 5.13 23.90
C ASP F 142 -1.44 5.72 25.30
N ILE F 143 -0.48 6.60 25.53
CA ILE F 143 -0.32 7.21 26.85
C ILE F 143 0.46 8.52 26.76
N ASN F 144 0.20 9.41 27.71
CA ASN F 144 0.86 10.70 27.74
C ASN F 144 1.45 10.93 29.13
N VAL F 145 2.63 11.52 29.17
CA VAL F 145 3.31 11.80 30.43
C VAL F 145 3.96 13.18 30.41
N LYS F 146 3.69 13.98 31.42
CA LYS F 146 4.26 15.31 31.50
C LYS F 146 4.95 15.57 32.83
N TRP F 147 6.15 16.13 32.76
CA TRP F 147 6.91 16.43 33.96
C TRP F 147 6.63 17.85 34.44
N LYS F 148 6.48 17.99 35.75
CA LYS F 148 6.22 19.29 36.33
C LYS F 148 7.10 19.53 37.55
N ILE F 149 7.91 20.60 37.50
CA ILE F 149 8.78 20.96 38.61
C ILE F 149 8.21 22.20 39.27
N ASP F 150 7.63 22.03 40.46
CA ASP F 150 7.02 23.13 41.19
C ASP F 150 5.82 23.69 40.44
N GLY F 151 4.91 22.80 40.06
CA GLY F 151 3.71 23.20 39.34
C GLY F 151 3.88 23.89 38.01
N SER F 152 4.96 23.59 37.29
CA SER F 152 5.20 24.21 35.98
C SER F 152 5.67 23.20 34.95
N GLU F 153 4.98 23.16 33.82
CA GLU F 153 5.31 22.25 32.72
C GLU F 153 6.79 22.29 32.38
N ARG F 154 7.40 21.11 32.29
CA ARG F 154 8.82 21.00 31.95
C ARG F 154 9.02 19.84 30.98
N GLN F 155 9.96 20.01 30.05
CA GLN F 155 10.24 18.97 29.07
C GLN F 155 11.50 19.30 28.28
N ASN F 156 12.46 19.91 28.97
CA ASN F 156 13.73 20.31 28.37
C ASN F 156 14.66 19.10 28.19
N GLY F 157 14.72 18.25 29.22
CA GLY F 157 15.59 17.09 29.14
C GLY F 157 14.90 15.78 29.48
N VAL F 158 13.74 15.55 28.88
CA VAL F 158 13.00 14.32 29.11
C VAL F 158 13.33 13.32 28.02
N LEU F 159 13.55 12.08 28.42
CA LEU F 159 13.86 11.01 27.49
C LEU F 159 12.95 9.83 27.81
N ASN F 160 12.19 9.39 26.83
CA ASN F 160 11.26 8.31 27.02
C ASN F 160 11.58 7.03 26.24
N SER F 161 11.09 5.92 26.76
CA SER F 161 11.29 4.61 26.15
C SER F 161 10.06 3.77 26.48
N TRP F 162 9.59 3.00 25.50
CA TRP F 162 8.41 2.16 25.66
C TRP F 162 8.74 0.72 25.30
N THR F 163 8.25 -0.22 26.11
CA THR F 163 8.48 -1.62 25.82
C THR F 163 7.51 -2.00 24.71
N ASP F 164 7.74 -3.15 24.09
CA ASP F 164 6.80 -3.63 23.07
C ASP F 164 5.73 -4.33 23.89
N GLN F 165 4.72 -4.89 23.23
CA GLN F 165 3.66 -5.56 23.96
C GLN F 165 4.23 -6.73 24.76
N ASP F 166 3.85 -6.81 26.04
CA ASP F 166 4.33 -7.87 26.93
C ASP F 166 3.88 -9.25 26.46
N SER F 167 4.81 -10.19 26.41
CA SER F 167 4.51 -11.54 25.96
C SER F 167 3.82 -12.43 26.99
N LYS F 168 3.71 -11.97 28.23
CA LYS F 168 3.06 -12.76 29.26
C LYS F 168 1.62 -12.30 29.53
N ASP F 169 1.41 -10.99 29.60
CA ASP F 169 0.08 -10.47 29.90
C ASP F 169 -0.48 -9.45 28.90
N SER F 170 0.20 -9.27 27.77
CA SER F 170 -0.24 -8.34 26.72
C SER F 170 -0.37 -6.87 27.10
N THR F 171 0.38 -6.43 28.10
CA THR F 171 0.32 -5.04 28.50
C THR F 171 1.53 -4.25 27.98
N TYR F 172 1.54 -2.96 28.22
CA TYR F 172 2.63 -2.12 27.78
C TYR F 172 3.24 -1.41 28.98
N SER F 173 4.50 -1.06 28.89
CA SER F 173 5.16 -0.35 29.98
C SER F 173 5.91 0.82 29.38
N MET F 174 6.21 1.81 30.20
CA MET F 174 6.91 2.99 29.74
C MET F 174 7.79 3.61 30.81
N SER F 175 8.93 4.13 30.39
CA SER F 175 9.88 4.76 31.29
C SER F 175 10.15 6.18 30.81
N SER F 176 10.09 7.14 31.74
CA SER F 176 10.35 8.54 31.39
C SER F 176 11.42 9.07 32.33
N THR F 177 12.51 9.56 31.74
CA THR F 177 13.63 10.08 32.54
C THR F 177 13.96 11.55 32.29
N LEU F 178 13.77 12.37 33.31
CA LEU F 178 14.07 13.79 33.23
C LEU F 178 15.46 14.02 33.80
N THR F 179 16.39 14.48 32.97
CA THR F 179 17.75 14.71 33.44
C THR F 179 18.18 16.17 33.47
N LEU F 180 18.52 16.64 34.66
CA LEU F 180 18.97 18.00 34.92
C LEU F 180 20.37 17.91 35.52
N THR F 181 21.00 19.06 35.69
CA THR F 181 22.32 19.10 36.31
C THR F 181 22.02 19.15 37.79
N LYS F 182 23.02 18.90 38.63
CA LYS F 182 22.80 18.92 40.07
C LYS F 182 22.29 20.30 40.52
N ASP F 183 22.90 21.35 39.96
CA ASP F 183 22.52 22.72 40.30
C ASP F 183 21.02 22.96 40.09
N GLU F 184 20.55 22.71 38.88
CA GLU F 184 19.13 22.91 38.57
C GLU F 184 18.27 22.14 39.55
N TYR F 185 18.52 20.84 39.67
CA TYR F 185 17.75 19.98 40.55
C TYR F 185 17.60 20.55 41.95
N GLU F 186 18.64 21.24 42.43
CA GLU F 186 18.61 21.81 43.77
C GLU F 186 17.94 23.18 43.83
N ARG F 187 17.73 23.80 42.68
CA ARG F 187 17.09 25.11 42.64
C ARG F 187 15.58 24.99 42.82
N HIS F 188 15.04 23.79 42.60
CA HIS F 188 13.61 23.57 42.75
C HIS F 188 13.38 22.56 43.86
N ASN F 189 12.12 22.39 44.26
CA ASN F 189 11.84 21.46 45.34
C ASN F 189 10.86 20.36 45.00
N SER F 190 9.73 20.71 44.42
CA SER F 190 8.72 19.72 44.07
C SER F 190 8.89 19.15 42.67
N TYR F 191 8.93 17.83 42.58
CA TYR F 191 9.09 17.14 41.32
C TYR F 191 7.94 16.16 41.16
N THR F 192 7.06 16.45 40.21
CA THR F 192 5.90 15.59 40.00
C THR F 192 5.83 14.99 38.61
N CYS F 193 5.33 13.77 38.55
CA CYS F 193 5.19 13.06 37.30
C CYS F 193 3.70 12.80 37.10
N GLU F 194 3.18 13.26 35.97
CA GLU F 194 1.76 13.12 35.67
C GLU F 194 1.51 12.27 34.43
N ALA F 195 0.64 11.27 34.58
CA ALA F 195 0.32 10.38 33.49
C ALA F 195 -1.17 10.40 33.14
N THR F 196 -1.46 10.56 31.85
CA THR F 196 -2.84 10.59 31.37
C THR F 196 -3.12 9.37 30.51
N HIS F 197 -4.05 8.53 30.96
CA HIS F 197 -4.41 7.32 30.22
C HIS F 197 -5.94 7.25 30.11
N LYS F 198 -6.44 6.53 29.12
CA LYS F 198 -7.88 6.42 28.94
C LYS F 198 -8.59 5.63 30.04
N THR F 199 -7.88 5.27 31.09
CA THR F 199 -8.52 4.53 32.18
C THR F 199 -9.07 5.45 33.26
N SER F 200 -8.99 6.76 33.00
CA SER F 200 -9.48 7.76 33.96
C SER F 200 -9.29 9.17 33.40
N THR F 201 -10.22 10.05 33.74
CA THR F 201 -10.15 11.44 33.27
C THR F 201 -9.21 12.22 34.15
N SER F 202 -8.99 11.69 35.35
CA SER F 202 -8.10 12.32 36.32
C SER F 202 -6.72 11.66 36.25
N PRO F 203 -5.76 12.34 35.62
CA PRO F 203 -4.38 11.85 35.46
C PRO F 203 -3.83 11.26 36.75
N ILE F 204 -2.98 10.25 36.61
CA ILE F 204 -2.37 9.66 37.79
C ILE F 204 -1.18 10.54 38.11
N VAL F 205 -1.12 11.01 39.34
CA VAL F 205 -0.05 11.90 39.76
C VAL F 205 0.82 11.27 40.84
N LYS F 206 2.12 11.33 40.62
CA LYS F 206 3.08 10.79 41.56
C LYS F 206 4.15 11.85 41.70
N SER F 207 4.63 12.09 42.91
CA SER F 207 5.67 13.10 43.10
C SER F 207 6.43 12.97 44.41
N PHE F 208 7.38 13.88 44.63
CA PHE F 208 8.17 13.90 45.84
C PHE F 208 8.76 15.29 46.03
N ASN F 209 9.18 15.58 47.25
CA ASN F 209 9.78 16.87 47.59
C ASN F 209 11.20 16.62 48.13
N ARG F 210 12.16 17.43 47.72
CA ARG F 210 13.54 17.25 48.19
C ARG F 210 13.64 17.26 49.72
#